data_2EKQ
#
_entry.id   2EKQ
#
_cell.length_a   110.531
_cell.length_b   110.531
_cell.length_c   200.851
_cell.angle_alpha   90.00
_cell.angle_beta   90.00
_cell.angle_gamma   90.00
#
_symmetry.space_group_name_H-M   'P 41 21 2'
#
loop_
_entity.id
_entity.type
_entity.pdbx_description
1 polymer '2-deoxy-D-gluconate 3-dehydrogenase'
2 non-polymer 'SULFATE ION'
3 non-polymer GLYCEROL
4 water water
#
_entity_poly.entity_id   1
_entity_poly.type   'polypeptide(L)'
_entity_poly.pdbx_seq_one_letter_code
;MERKALVTGGSRGIGRAIAEALVARGYRVAIASRNPEEAAQSLGAVPLPTDLEKDDPKGLVKRALEALGGLHVLVHAAAV
NVRKPALELSYEEWRRVLYLHLDVAFLLAQAAAPHMAEAGWGRVLFIGSVTTFTAGGPVPIPAYTTAKTALLGLTRALAK
EWARLGIRVNLLCPGYVETEFTLPLRQNPELYEPITARIPMGRWARPEEIARVAAVLCGDEAEYLTGQAVAVDGGFLAY
;
_entity_poly.pdbx_strand_id   A,B,C,D
#
loop_
_chem_comp.id
_chem_comp.type
_chem_comp.name
_chem_comp.formula
GOL non-polymer GLYCEROL 'C3 H8 O3'
SO4 non-polymer 'SULFATE ION' 'O4 S -2'
#
# COMPACT_ATOMS: atom_id res chain seq x y z
N GLU A 2 22.01 27.63 10.27
CA GLU A 2 22.17 26.61 11.29
C GLU A 2 22.13 25.21 10.68
N ARG A 3 21.00 24.72 10.18
CA ARG A 3 21.02 23.38 9.59
C ARG A 3 21.79 23.43 8.27
N LYS A 4 22.66 22.44 8.06
CA LYS A 4 23.46 22.33 6.85
C LYS A 4 22.89 21.28 5.93
N ALA A 5 22.59 21.64 4.68
CA ALA A 5 22.01 20.70 3.74
C ALA A 5 22.73 20.54 2.41
N LEU A 6 22.70 19.31 1.89
CA LEU A 6 23.30 18.99 0.60
C LEU A 6 22.18 18.49 -0.29
N VAL A 7 22.03 19.12 -1.47
CA VAL A 7 21.00 18.73 -2.41
C VAL A 7 21.61 18.36 -3.76
N THR A 8 21.48 17.10 -4.16
CA THR A 8 22.01 16.66 -5.44
C THR A 8 20.97 17.00 -6.51
N GLY A 9 21.44 17.28 -7.72
CA GLY A 9 20.54 17.65 -8.80
C GLY A 9 19.88 18.97 -8.43
N GLY A 10 20.63 19.80 -7.70
CA GLY A 10 20.08 21.08 -7.26
C GLY A 10 20.17 22.28 -8.17
N SER A 11 20.58 22.09 -9.43
CA SER A 11 20.67 23.22 -10.34
C SER A 11 19.45 23.38 -11.24
N ARG A 12 18.60 22.36 -11.28
CA ARG A 12 17.40 22.41 -12.11
C ARG A 12 16.19 21.72 -11.47
N GLY A 13 15.05 21.88 -12.11
CA GLY A 13 13.80 21.27 -11.67
C GLY A 13 13.50 21.21 -10.19
N ILE A 14 13.05 20.03 -9.75
CA ILE A 14 12.69 19.81 -8.36
C ILE A 14 13.85 20.04 -7.41
N GLY A 15 15.03 19.58 -7.78
CA GLY A 15 16.20 19.76 -6.94
C GLY A 15 16.45 21.23 -6.63
N ARG A 16 16.38 22.07 -7.65
CA ARG A 16 16.61 23.50 -7.46
C ARG A 16 15.53 24.12 -6.58
N ALA A 17 14.28 23.74 -6.81
CA ALA A 17 13.18 24.27 -6.02
C ALA A 17 13.36 23.93 -4.54
N ILE A 18 13.81 22.70 -4.28
CA ILE A 18 14.03 22.26 -2.90
C ILE A 18 15.16 23.07 -2.27
N ALA A 19 16.24 23.26 -3.02
CA ALA A 19 17.38 24.03 -2.51
C ALA A 19 16.91 25.43 -2.12
N GLU A 20 16.13 26.05 -2.99
CA GLU A 20 15.62 27.39 -2.74
C GLU A 20 14.72 27.43 -1.50
N ALA A 21 13.90 26.39 -1.33
CA ALA A 21 13.01 26.31 -0.18
C ALA A 21 13.80 26.17 1.11
N LEU A 22 14.89 25.41 1.07
CA LEU A 22 15.72 25.22 2.25
C LEU A 22 16.46 26.50 2.60
N VAL A 23 16.92 27.23 1.59
CA VAL A 23 17.62 28.49 1.84
C VAL A 23 16.63 29.43 2.54
N ALA A 24 15.40 29.46 2.04
CA ALA A 24 14.37 30.32 2.60
C ALA A 24 14.09 29.99 4.07
N ARG A 25 14.34 28.76 4.47
CA ARG A 25 14.12 28.34 5.86
C ARG A 25 15.32 28.69 6.75
N GLY A 26 16.34 29.29 6.14
CA GLY A 26 17.51 29.68 6.90
C GLY A 26 18.63 28.64 6.94
N TYR A 27 18.51 27.61 6.12
CA TYR A 27 19.52 26.55 6.08
C TYR A 27 20.72 26.98 5.25
N ARG A 28 21.88 26.41 5.56
CA ARG A 28 23.10 26.70 4.80
C ARG A 28 23.12 25.55 3.79
N VAL A 29 22.90 25.87 2.52
CA VAL A 29 22.81 24.86 1.49
C VAL A 29 23.95 24.76 0.48
N ALA A 30 24.23 23.52 0.08
CA ALA A 30 25.25 23.22 -0.91
C ALA A 30 24.52 22.46 -2.03
N ILE A 31 24.77 22.83 -3.23
CA ILE A 31 24.03 22.12 -4.30
C ILE A 31 24.97 21.46 -5.25
N ALA A 32 24.74 20.18 -5.56
CA ALA A 32 25.59 19.32 -6.36
C ALA A 32 24.98 18.99 -7.71
N SER A 33 25.77 19.19 -8.77
CA SER A 33 25.35 18.91 -10.14
C SER A 33 26.57 19.12 -11.03
N ARG A 34 26.45 18.82 -12.31
CA ARG A 34 27.58 18.98 -13.23
C ARG A 34 28.03 20.44 -13.36
N ASN A 35 27.07 21.36 -13.43
CA ASN A 35 27.38 22.77 -13.55
C ASN A 35 26.45 23.60 -12.65
N PRO A 36 26.69 23.55 -11.32
CA PRO A 36 25.89 24.28 -10.34
C PRO A 36 26.26 25.73 -10.08
N GLU A 37 27.30 26.22 -10.74
CA GLU A 37 27.75 27.59 -10.52
C GLU A 37 26.68 28.69 -10.62
N GLU A 38 25.91 28.70 -11.71
CA GLU A 38 24.89 29.74 -11.86
C GLU A 38 23.76 29.59 -10.84
N ALA A 39 23.25 28.38 -10.65
CA ALA A 39 22.18 28.16 -9.70
C ALA A 39 22.60 28.52 -8.28
N ALA A 40 23.81 28.11 -7.90
CA ALA A 40 24.33 28.38 -6.56
C ALA A 40 24.38 29.87 -6.28
N GLN A 41 24.83 30.64 -7.26
CA GLN A 41 24.92 32.08 -7.10
C GLN A 41 23.55 32.74 -6.99
N SER A 42 22.58 32.27 -7.76
CA SER A 42 21.24 32.81 -7.71
C SER A 42 20.53 32.45 -6.42
N LEU A 43 20.65 31.19 -6.02
CA LEU A 43 20.02 30.69 -4.81
C LEU A 43 20.73 31.08 -3.52
N GLY A 44 22.02 31.36 -3.61
CA GLY A 44 22.77 31.71 -2.43
C GLY A 44 23.18 30.44 -1.71
N ALA A 45 23.72 29.50 -2.47
CA ALA A 45 24.16 28.23 -1.92
C ALA A 45 25.59 27.96 -2.37
N VAL A 46 26.23 26.96 -1.76
CA VAL A 46 27.59 26.60 -2.12
C VAL A 46 27.57 25.63 -3.30
N PRO A 47 28.31 25.97 -4.38
CA PRO A 47 28.33 25.09 -5.54
C PRO A 47 29.32 23.95 -5.40
N LEU A 48 28.87 22.74 -5.72
CA LEU A 48 29.74 21.56 -5.64
C LEU A 48 29.66 20.79 -6.96
N PRO A 49 30.45 21.22 -7.96
CA PRO A 49 30.46 20.55 -9.27
C PRO A 49 30.79 19.08 -9.12
N THR A 50 29.99 18.22 -9.74
CA THR A 50 30.20 16.78 -9.64
C THR A 50 29.36 16.02 -10.65
N ASP A 51 29.81 14.83 -11.00
CA ASP A 51 29.08 13.97 -11.93
C ASP A 51 28.72 12.74 -11.11
N LEU A 52 27.56 12.77 -10.47
CA LEU A 52 27.12 11.66 -9.64
C LEU A 52 26.99 10.32 -10.34
N GLU A 53 27.04 10.30 -11.67
CA GLU A 53 26.93 9.05 -12.38
C GLU A 53 28.29 8.35 -12.42
N LYS A 54 29.34 9.06 -12.03
CA LYS A 54 30.68 8.50 -12.04
C LYS A 54 31.54 8.82 -10.82
N ASP A 55 31.34 9.98 -10.20
CA ASP A 55 32.13 10.36 -9.04
C ASP A 55 31.70 9.63 -7.77
N ASP A 56 32.68 9.28 -6.94
CA ASP A 56 32.44 8.58 -5.68
C ASP A 56 31.53 9.40 -4.77
N PRO A 57 30.33 8.86 -4.45
CA PRO A 57 29.31 9.58 -3.70
C PRO A 57 29.82 10.11 -2.35
N LYS A 58 30.67 9.29 -1.69
CA LYS A 58 31.14 9.65 -0.35
C LYS A 58 32.07 10.86 -0.37
N GLY A 59 32.85 10.92 -1.58
CA GLY A 59 33.66 12.12 -1.77
C GLY A 59 32.82 13.37 -1.81
N LEU A 60 31.61 13.26 -2.35
CA LEU A 60 30.71 14.41 -2.43
C LEU A 60 30.28 14.85 -1.04
N VAL A 61 29.94 13.87 -0.20
CA VAL A 61 29.51 14.17 1.16
C VAL A 61 30.65 14.80 1.94
N LYS A 62 31.87 14.29 1.74
CA LYS A 62 33.04 14.83 2.43
C LYS A 62 33.21 16.30 2.05
N ARG A 63 33.09 16.59 0.75
CA ARG A 63 33.22 17.94 0.25
C ARG A 63 32.14 18.86 0.83
N ALA A 64 30.92 18.34 0.95
CA ALA A 64 29.81 19.11 1.50
C ALA A 64 30.09 19.44 2.96
N LEU A 65 30.53 18.42 3.70
CA LEU A 65 30.85 18.57 5.12
C LEU A 65 31.85 19.70 5.33
N GLU A 66 32.89 19.69 4.53
CA GLU A 66 33.95 20.70 4.63
C GLU A 66 33.46 22.10 4.24
N ALA A 67 32.66 22.17 3.18
CA ALA A 67 32.15 23.45 2.71
C ALA A 67 31.11 24.06 3.62
N LEU A 68 30.29 23.22 4.26
CA LEU A 68 29.23 23.71 5.13
C LEU A 68 29.58 23.71 6.61
N GLY A 69 30.63 22.97 6.98
CA GLY A 69 31.03 22.92 8.37
C GLY A 69 30.13 21.98 9.16
N GLY A 70 29.56 21.00 8.46
CA GLY A 70 28.69 20.03 9.09
C GLY A 70 27.68 19.53 8.08
N LEU A 71 26.78 18.64 8.48
CA LEU A 71 25.78 18.11 7.57
C LEU A 71 24.59 17.54 8.35
N HIS A 72 23.43 18.14 8.15
CA HIS A 72 22.21 17.71 8.83
C HIS A 72 21.16 17.16 7.88
N VAL A 73 21.17 17.67 6.65
CA VAL A 73 20.18 17.28 5.66
C VAL A 73 20.74 16.80 4.32
N LEU A 74 20.15 15.73 3.80
CA LEU A 74 20.55 15.17 2.51
C LEU A 74 19.31 14.97 1.65
N VAL A 75 19.32 15.57 0.46
CA VAL A 75 18.22 15.44 -0.49
C VAL A 75 18.83 14.97 -1.81
N HIS A 76 18.45 13.76 -2.23
CA HIS A 76 18.98 13.20 -3.47
C HIS A 76 17.98 13.41 -4.61
N ALA A 77 18.07 14.57 -5.25
CA ALA A 77 17.14 14.90 -6.34
C ALA A 77 17.73 14.78 -7.74
N ALA A 78 18.90 14.16 -7.87
CA ALA A 78 19.53 13.99 -9.17
C ALA A 78 18.57 13.19 -10.04
N ALA A 79 18.50 13.51 -11.32
CA ALA A 79 17.59 12.79 -12.21
C ALA A 79 18.19 12.40 -13.55
N VAL A 80 17.87 11.19 -13.98
CA VAL A 80 18.33 10.65 -15.25
C VAL A 80 17.31 9.59 -15.65
N ASN A 81 17.26 9.25 -16.94
CA ASN A 81 16.31 8.24 -17.37
C ASN A 81 16.64 7.75 -18.78
N VAL A 82 16.15 6.55 -19.08
CA VAL A 82 16.30 5.93 -20.38
C VAL A 82 14.90 5.35 -20.59
N ARG A 83 14.07 6.13 -21.28
CA ARG A 83 12.69 5.72 -21.53
C ARG A 83 12.51 4.70 -22.65
N LYS A 84 12.92 3.46 -22.36
CA LYS A 84 12.81 2.36 -23.31
C LYS A 84 12.20 1.15 -22.64
N PRO A 85 11.39 0.38 -23.39
CA PRO A 85 10.76 -0.82 -22.82
C PRO A 85 11.81 -1.86 -22.48
N ALA A 86 11.47 -2.77 -21.57
CA ALA A 86 12.39 -3.82 -21.13
C ALA A 86 13.03 -4.64 -22.24
N LEU A 87 12.26 -4.98 -23.27
CA LEU A 87 12.80 -5.78 -24.37
C LEU A 87 13.77 -5.03 -25.28
N GLU A 88 13.84 -3.71 -25.12
CA GLU A 88 14.72 -2.88 -25.95
C GLU A 88 15.85 -2.28 -25.11
N LEU A 89 15.69 -2.35 -23.79
CA LEU A 89 16.67 -1.81 -22.85
C LEU A 89 17.89 -2.71 -22.69
N SER A 90 19.08 -2.13 -22.69
CA SER A 90 20.31 -2.91 -22.51
C SER A 90 20.59 -2.96 -21.01
N TYR A 91 21.43 -3.91 -20.59
CA TYR A 91 21.77 -4.03 -19.18
C TYR A 91 22.52 -2.78 -18.71
N GLU A 92 23.32 -2.21 -19.60
CA GLU A 92 24.09 -1.02 -19.27
C GLU A 92 23.16 0.14 -18.95
N GLU A 93 22.08 0.26 -19.72
CA GLU A 93 21.10 1.33 -19.51
C GLU A 93 20.33 1.08 -18.21
N TRP A 94 20.03 -0.18 -17.95
CA TRP A 94 19.32 -0.57 -16.73
C TRP A 94 20.15 -0.13 -15.54
N ARG A 95 21.42 -0.53 -15.57
CA ARG A 95 22.35 -0.19 -14.51
C ARG A 95 22.57 1.30 -14.36
N ARG A 96 22.54 2.04 -15.47
CA ARG A 96 22.75 3.48 -15.38
C ARG A 96 21.64 4.11 -14.55
N VAL A 97 20.40 3.74 -14.83
CA VAL A 97 19.25 4.27 -14.11
C VAL A 97 19.25 3.81 -12.66
N LEU A 98 19.42 2.51 -12.43
CA LEU A 98 19.42 1.97 -11.08
C LEU A 98 20.57 2.51 -10.24
N TYR A 99 21.74 2.69 -10.86
CA TYR A 99 22.89 3.20 -10.12
C TYR A 99 22.65 4.60 -9.57
N LEU A 100 22.31 5.52 -10.46
CA LEU A 100 22.06 6.90 -10.08
C LEU A 100 20.92 7.09 -9.09
N HIS A 101 19.78 6.48 -9.38
CA HIS A 101 18.62 6.61 -8.52
C HIS A 101 18.66 5.84 -7.20
N LEU A 102 19.17 4.61 -7.26
CA LEU A 102 19.21 3.76 -6.07
C LEU A 102 20.54 3.55 -5.38
N ASP A 103 21.54 3.02 -6.09
CA ASP A 103 22.84 2.77 -5.48
C ASP A 103 23.44 4.04 -4.88
N VAL A 104 23.35 5.13 -5.62
CA VAL A 104 23.89 6.41 -5.15
C VAL A 104 23.11 6.92 -3.95
N ALA A 105 21.82 6.61 -3.88
CA ALA A 105 21.00 7.04 -2.75
C ALA A 105 21.53 6.35 -1.49
N PHE A 106 21.83 5.07 -1.63
CA PHE A 106 22.37 4.27 -0.53
C PHE A 106 23.73 4.79 -0.09
N LEU A 107 24.63 4.99 -1.06
CA LEU A 107 25.97 5.47 -0.78
C LEU A 107 26.00 6.84 -0.14
N LEU A 108 25.19 7.76 -0.66
CA LEU A 108 25.13 9.12 -0.11
C LEU A 108 24.61 9.10 1.33
N ALA A 109 23.52 8.37 1.56
CA ALA A 109 22.93 8.29 2.89
C ALA A 109 23.90 7.62 3.88
N GLN A 110 24.52 6.52 3.45
CA GLN A 110 25.46 5.81 4.30
C GLN A 110 26.59 6.73 4.75
N ALA A 111 27.07 7.57 3.83
CA ALA A 111 28.15 8.50 4.13
C ALA A 111 27.72 9.68 5.00
N ALA A 112 26.49 10.15 4.81
CA ALA A 112 26.01 11.30 5.56
C ALA A 112 25.51 10.99 6.98
N ALA A 113 24.94 9.80 7.17
CA ALA A 113 24.40 9.40 8.46
C ALA A 113 25.30 9.62 9.68
N PRO A 114 26.56 9.18 9.62
CA PRO A 114 27.45 9.37 10.77
C PRO A 114 27.52 10.83 11.22
N HIS A 115 27.52 11.75 10.26
CA HIS A 115 27.59 13.18 10.56
C HIS A 115 26.31 13.70 11.20
N MET A 116 25.17 13.17 10.78
CA MET A 116 23.90 13.58 11.34
C MET A 116 23.78 13.03 12.76
N ALA A 117 24.19 11.79 12.95
CA ALA A 117 24.13 11.13 14.25
C ALA A 117 24.95 11.93 15.26
N GLU A 118 26.06 12.45 14.78
CA GLU A 118 26.98 13.25 15.58
C GLU A 118 26.24 14.49 16.09
N ALA A 119 25.47 15.10 15.19
CA ALA A 119 24.70 16.29 15.52
C ALA A 119 23.47 15.91 16.33
N GLY A 120 23.11 14.63 16.28
CA GLY A 120 21.95 14.16 17.02
C GLY A 120 20.65 14.56 16.33
N TRP A 121 20.78 15.02 15.09
CA TRP A 121 19.61 15.46 14.32
C TRP A 121 19.94 15.31 12.84
N GLY A 122 19.02 14.70 12.09
CA GLY A 122 19.26 14.53 10.67
C GLY A 122 18.01 14.29 9.87
N ARG A 123 18.07 14.63 8.59
CA ARG A 123 16.95 14.43 7.69
C ARG A 123 17.45 13.94 6.34
N VAL A 124 16.95 12.78 5.93
CA VAL A 124 17.31 12.22 4.64
C VAL A 124 16.03 12.21 3.82
N LEU A 125 16.07 12.85 2.66
CA LEU A 125 14.90 12.90 1.80
C LEU A 125 15.23 12.33 0.43
N PHE A 126 14.65 11.18 0.13
CA PHE A 126 14.84 10.56 -1.17
C PHE A 126 13.68 11.06 -2.01
N ILE A 127 13.83 11.04 -3.33
CA ILE A 127 12.77 11.50 -4.20
C ILE A 127 12.16 10.33 -4.96
N GLY A 128 10.86 10.14 -4.79
CA GLY A 128 10.17 9.05 -5.45
C GLY A 128 9.49 9.51 -6.72
N SER A 129 8.29 8.97 -6.95
CA SER A 129 7.53 9.29 -8.15
C SER A 129 6.19 8.57 -8.06
N VAL A 130 5.27 8.85 -8.98
CA VAL A 130 4.02 8.13 -8.94
C VAL A 130 4.34 6.69 -9.36
N THR A 131 5.53 6.50 -9.93
CA THR A 131 5.93 5.16 -10.36
C THR A 131 6.46 4.34 -9.19
N THR A 132 6.37 4.90 -7.99
CA THR A 132 6.78 4.19 -6.79
C THR A 132 5.58 3.30 -6.48
N PHE A 133 4.43 3.67 -7.03
CA PHE A 133 3.18 2.96 -6.81
C PHE A 133 2.49 2.44 -8.06
N THR A 134 3.01 2.82 -9.23
CA THR A 134 2.44 2.39 -10.51
C THR A 134 3.56 2.13 -11.51
N ALA A 135 3.19 1.72 -12.72
CA ALA A 135 4.19 1.45 -13.75
C ALA A 135 4.39 2.58 -14.77
N GLY A 136 3.89 3.77 -14.46
CA GLY A 136 4.06 4.89 -15.37
C GLY A 136 3.07 5.06 -16.52
N GLY A 137 2.01 4.27 -16.52
CA GLY A 137 1.02 4.40 -17.58
C GLY A 137 1.52 4.25 -19.00
N PRO A 138 1.25 5.24 -19.88
CA PRO A 138 1.67 5.17 -21.28
C PRO A 138 3.18 5.32 -21.52
N VAL A 139 3.92 5.69 -20.48
CA VAL A 139 5.37 5.89 -20.61
C VAL A 139 6.14 4.59 -20.38
N PRO A 140 7.07 4.25 -21.29
CA PRO A 140 7.87 3.02 -21.16
C PRO A 140 9.10 3.28 -20.28
N ILE A 141 8.96 3.08 -18.98
CA ILE A 141 10.06 3.32 -18.04
C ILE A 141 10.22 2.25 -16.97
N PRO A 142 10.52 1.01 -17.39
CA PRO A 142 10.70 -0.09 -16.44
C PRO A 142 11.84 0.10 -15.44
N ALA A 143 12.97 0.63 -15.90
CA ALA A 143 14.12 0.84 -15.03
C ALA A 143 13.84 1.91 -13.97
N TYR A 144 13.28 3.03 -14.41
CA TYR A 144 12.94 4.14 -13.53
C TYR A 144 11.91 3.69 -12.49
N THR A 145 10.89 2.98 -12.96
CA THR A 145 9.83 2.49 -12.08
C THR A 145 10.44 1.60 -10.98
N THR A 146 11.30 0.68 -11.38
CA THR A 146 11.93 -0.24 -10.45
C THR A 146 12.74 0.52 -9.41
N ALA A 147 13.55 1.47 -9.86
CA ALA A 147 14.38 2.26 -8.96
C ALA A 147 13.58 3.11 -7.97
N LYS A 148 12.54 3.78 -8.44
CA LYS A 148 11.73 4.62 -7.58
C LYS A 148 10.90 3.81 -6.58
N THR A 149 10.60 2.56 -6.92
CA THR A 149 9.84 1.70 -6.02
C THR A 149 10.83 1.13 -5.01
N ALA A 150 12.03 0.82 -5.48
CA ALA A 150 13.07 0.28 -4.61
C ALA A 150 13.36 1.27 -3.48
N LEU A 151 13.33 2.56 -3.79
CA LEU A 151 13.61 3.59 -2.80
C LEU A 151 12.68 3.54 -1.59
N LEU A 152 11.46 3.04 -1.79
CA LEU A 152 10.52 2.94 -0.67
C LEU A 152 11.06 1.92 0.32
N GLY A 153 11.64 0.84 -0.22
CA GLY A 153 12.19 -0.20 0.64
C GLY A 153 13.39 0.35 1.39
N LEU A 154 14.25 1.06 0.69
CA LEU A 154 15.44 1.65 1.30
C LEU A 154 15.03 2.67 2.34
N THR A 155 13.98 3.43 2.06
CA THR A 155 13.49 4.44 2.99
C THR A 155 13.07 3.81 4.30
N ARG A 156 12.31 2.71 4.21
CA ARG A 156 11.86 2.02 5.41
C ARG A 156 13.04 1.44 6.18
N ALA A 157 13.94 0.80 5.45
CA ALA A 157 15.12 0.18 6.05
C ALA A 157 16.02 1.16 6.80
N LEU A 158 16.36 2.28 6.17
CA LEU A 158 17.22 3.27 6.82
C LEU A 158 16.50 4.00 7.95
N ALA A 159 15.21 4.26 7.78
CA ALA A 159 14.44 4.94 8.81
C ALA A 159 14.46 4.10 10.08
N LYS A 160 14.28 2.79 9.92
CA LYS A 160 14.26 1.89 11.07
C LYS A 160 15.62 1.85 11.76
N GLU A 161 16.68 1.75 10.97
CA GLU A 161 18.02 1.68 11.52
C GLU A 161 18.53 2.92 12.22
N TRP A 162 18.19 4.10 11.70
CA TRP A 162 18.69 5.35 12.26
C TRP A 162 17.75 6.20 13.11
N ALA A 163 16.55 5.71 13.36
CA ALA A 163 15.58 6.45 14.15
C ALA A 163 16.12 6.95 15.49
N ARG A 164 16.79 6.07 16.22
CA ARG A 164 17.32 6.43 17.53
C ARG A 164 18.51 7.40 17.48
N LEU A 165 19.08 7.61 16.29
CA LEU A 165 20.20 8.53 16.13
C LEU A 165 19.70 9.96 15.91
N GLY A 166 18.39 10.12 15.78
CA GLY A 166 17.81 11.44 15.58
C GLY A 166 17.61 11.75 14.11
N ILE A 167 17.78 10.72 13.28
CA ILE A 167 17.62 10.87 11.84
C ILE A 167 16.26 10.39 11.36
N ARG A 168 15.64 11.17 10.48
CA ARG A 168 14.35 10.81 9.90
C ARG A 168 14.63 10.58 8.42
N VAL A 169 14.06 9.52 7.86
CA VAL A 169 14.27 9.20 6.45
C VAL A 169 12.92 8.99 5.78
N ASN A 170 12.65 9.77 4.74
CA ASN A 170 11.38 9.67 4.04
C ASN A 170 11.54 9.77 2.52
N LEU A 171 10.46 9.45 1.82
CA LEU A 171 10.44 9.48 0.37
C LEU A 171 9.36 10.42 -0.16
N LEU A 172 9.78 11.55 -0.73
CA LEU A 172 8.84 12.49 -1.30
C LEU A 172 8.55 12.01 -2.72
N CYS A 173 7.29 11.73 -3.01
CA CYS A 173 6.90 11.25 -4.33
C CYS A 173 6.09 12.31 -5.08
N PRO A 174 6.76 13.10 -5.93
CA PRO A 174 6.06 14.14 -6.68
C PRO A 174 5.22 13.50 -7.78
N GLY A 175 4.17 14.19 -8.19
CA GLY A 175 3.34 13.68 -9.26
C GLY A 175 3.97 14.16 -10.55
N TYR A 176 3.16 14.69 -11.46
CA TYR A 176 3.68 15.19 -12.72
C TYR A 176 3.99 16.68 -12.59
N VAL A 177 5.28 17.00 -12.68
CA VAL A 177 5.77 18.36 -12.51
C VAL A 177 6.38 18.94 -13.79
N GLU A 178 6.11 20.22 -14.07
CA GLU A 178 6.66 20.86 -15.25
C GLU A 178 8.15 21.14 -15.04
N THR A 179 8.98 20.31 -15.65
CA THR A 179 10.43 20.48 -15.56
C THR A 179 11.00 20.09 -16.92
N GLU A 180 12.27 20.40 -17.17
CA GLU A 180 12.71 20.00 -18.48
C GLU A 180 12.94 18.51 -18.48
N PHE A 181 13.12 17.90 -17.31
CA PHE A 181 13.23 16.44 -17.22
C PHE A 181 11.99 15.75 -17.77
N THR A 182 10.81 16.32 -17.53
CA THR A 182 9.57 15.72 -18.01
C THR A 182 9.07 16.30 -19.33
N LEU A 183 9.88 17.16 -19.94
CA LEU A 183 9.48 17.78 -21.21
C LEU A 183 9.02 16.78 -22.27
N PRO A 184 9.78 15.69 -22.49
CA PRO A 184 9.38 14.70 -23.49
C PRO A 184 7.95 14.14 -23.28
N LEU A 185 7.41 14.09 -21.98
CA LEU A 185 6.06 13.63 -21.69
C LEU A 185 5.02 14.65 -22.14
N ARG A 186 5.40 15.88 -21.94
CA ARG A 186 4.44 16.92 -22.26
C ARG A 186 4.35 17.20 -23.75
N GLN A 187 5.40 16.89 -24.45
CA GLN A 187 5.44 17.08 -25.88
C GLN A 187 4.72 16.11 -26.79
N ASN A 188 4.31 15.00 -26.23
CA ASN A 188 3.62 13.95 -27.00
C ASN A 188 2.22 13.76 -26.43
N PRO A 189 1.15 14.15 -27.16
CA PRO A 189 -0.22 14.01 -26.68
C PRO A 189 -0.57 12.63 -26.14
N GLU A 190 0.02 11.59 -26.73
CA GLU A 190 -0.37 10.27 -26.28
C GLU A 190 0.21 9.92 -24.90
N LEU A 191 1.05 10.81 -24.36
CA LEU A 191 1.55 10.63 -23.00
C LEU A 191 0.86 11.67 -22.12
N TYR A 192 0.93 12.93 -22.53
CA TYR A 192 0.35 14.02 -21.75
C TYR A 192 -1.16 13.94 -21.53
N GLU A 193 -1.93 13.70 -22.59
CA GLU A 193 -3.39 13.63 -22.47
C GLU A 193 -3.90 12.56 -21.51
N PRO A 194 -3.52 11.29 -21.74
CA PRO A 194 -3.98 10.20 -20.87
C PRO A 194 -3.57 10.40 -19.41
N ILE A 195 -2.37 10.94 -19.21
CA ILE A 195 -1.86 11.20 -17.86
C ILE A 195 -2.63 12.32 -17.18
N THR A 196 -2.67 13.48 -17.83
CA THR A 196 -3.35 14.65 -17.28
C THR A 196 -4.84 14.42 -16.99
N ALA A 197 -5.47 13.54 -17.78
CA ALA A 197 -6.88 13.25 -17.59
C ALA A 197 -7.12 12.57 -16.24
N ARG A 198 -6.06 12.01 -15.66
CA ARG A 198 -6.15 11.31 -14.38
C ARG A 198 -5.76 12.18 -13.17
N ILE A 199 -5.44 13.44 -13.42
CA ILE A 199 -5.07 14.36 -12.34
C ILE A 199 -6.32 15.16 -11.97
N PRO A 200 -6.94 14.85 -10.82
CA PRO A 200 -8.15 15.58 -10.41
C PRO A 200 -8.01 17.11 -10.41
N MET A 201 -6.85 17.61 -10.00
CA MET A 201 -6.65 19.06 -9.98
C MET A 201 -6.58 19.67 -11.38
N GLY A 202 -6.53 18.81 -12.39
CA GLY A 202 -6.51 19.27 -13.77
C GLY A 202 -5.27 20.02 -14.26
N ARG A 203 -4.15 19.85 -13.57
CA ARG A 203 -2.93 20.54 -13.98
C ARG A 203 -1.69 19.87 -13.41
N TRP A 204 -0.57 20.12 -14.04
CA TRP A 204 0.71 19.60 -13.57
C TRP A 204 1.17 20.54 -12.46
N ALA A 205 2.11 20.08 -11.65
CA ALA A 205 2.60 20.90 -10.55
C ALA A 205 3.76 21.77 -10.95
N ARG A 206 3.97 22.80 -10.16
CA ARG A 206 5.10 23.68 -10.35
C ARG A 206 6.12 23.12 -9.38
N PRO A 207 7.40 23.17 -9.75
CA PRO A 207 8.47 22.65 -8.87
C PRO A 207 8.38 23.18 -7.44
N GLU A 208 8.10 24.47 -7.30
CA GLU A 208 8.00 25.10 -5.99
C GLU A 208 6.92 24.47 -5.12
N GLU A 209 5.82 24.03 -5.74
CA GLU A 209 4.73 23.43 -4.99
C GLU A 209 5.16 22.09 -4.37
N ILE A 210 6.10 21.41 -5.02
CA ILE A 210 6.62 20.15 -4.52
C ILE A 210 7.62 20.45 -3.41
N ALA A 211 8.40 21.51 -3.61
CA ALA A 211 9.41 21.92 -2.65
C ALA A 211 8.82 22.32 -1.29
N ARG A 212 7.60 22.83 -1.30
CA ARG A 212 6.95 23.23 -0.05
C ARG A 212 6.88 22.05 0.90
N VAL A 213 6.54 20.88 0.36
CA VAL A 213 6.44 19.67 1.18
C VAL A 213 7.82 19.14 1.51
N ALA A 214 8.75 19.21 0.56
CA ALA A 214 10.11 18.74 0.80
C ALA A 214 10.69 19.47 2.01
N ALA A 215 10.46 20.78 2.08
CA ALA A 215 10.97 21.58 3.19
C ALA A 215 10.45 21.06 4.52
N VAL A 216 9.18 20.70 4.55
CA VAL A 216 8.56 20.16 5.77
C VAL A 216 9.25 18.88 6.21
N LEU A 217 9.55 18.01 5.23
CA LEU A 217 10.21 16.73 5.52
C LEU A 217 11.68 16.88 5.87
N CYS A 218 12.21 18.10 5.75
CA CYS A 218 13.59 18.38 6.08
C CYS A 218 13.66 19.27 7.32
N GLY A 219 12.55 19.36 8.04
CA GLY A 219 12.52 20.20 9.24
C GLY A 219 11.96 19.54 10.48
N ASP A 220 11.72 20.34 11.51
CA ASP A 220 11.19 19.83 12.76
C ASP A 220 9.77 19.27 12.65
N GLU A 221 9.06 19.66 11.60
CA GLU A 221 7.70 19.16 11.41
C GLU A 221 7.70 17.64 11.27
N ALA A 222 8.81 17.08 10.81
CA ALA A 222 8.92 15.64 10.62
C ALA A 222 9.56 14.92 11.80
N GLU A 223 9.53 15.53 12.98
CA GLU A 223 10.12 14.92 14.17
C GLU A 223 9.62 13.50 14.43
N TYR A 224 8.33 13.26 14.22
CA TYR A 224 7.78 11.92 14.45
C TYR A 224 7.34 11.27 13.13
N LEU A 225 7.85 11.80 12.02
CA LEU A 225 7.49 11.26 10.71
C LEU A 225 8.72 10.64 10.05
N THR A 226 8.73 9.31 9.93
CA THR A 226 9.88 8.64 9.33
C THR A 226 9.52 7.28 8.73
N GLY A 227 10.26 6.91 7.68
CA GLY A 227 10.04 5.64 7.01
C GLY A 227 8.82 5.64 6.13
N GLN A 228 8.39 6.84 5.72
CA GLN A 228 7.19 6.98 4.90
C GLN A 228 7.38 7.65 3.56
N ALA A 229 6.41 7.39 2.68
CA ALA A 229 6.39 8.02 1.37
C ALA A 229 5.25 9.03 1.49
N VAL A 230 5.46 10.21 0.93
CA VAL A 230 4.44 11.26 0.95
C VAL A 230 4.28 11.68 -0.50
N ALA A 231 3.10 11.40 -1.06
CA ALA A 231 2.82 11.73 -2.46
C ALA A 231 2.15 13.08 -2.61
N VAL A 232 2.75 13.94 -3.44
CA VAL A 232 2.26 15.28 -3.71
C VAL A 232 2.00 15.22 -5.22
N ASP A 233 0.81 14.75 -5.59
CA ASP A 233 0.48 14.54 -7.00
C ASP A 233 -0.84 15.10 -7.54
N GLY A 234 -1.41 16.10 -6.89
CA GLY A 234 -2.66 16.67 -7.37
C GLY A 234 -3.84 15.71 -7.40
N GLY A 235 -3.70 14.58 -6.72
CA GLY A 235 -4.78 13.61 -6.67
C GLY A 235 -4.68 12.47 -7.66
N PHE A 236 -3.60 12.44 -8.44
CA PHE A 236 -3.38 11.41 -9.46
C PHE A 236 -3.60 9.97 -8.98
N LEU A 237 -2.88 9.59 -7.94
CA LEU A 237 -2.98 8.22 -7.42
C LEU A 237 -4.36 7.89 -6.85
N ALA A 238 -5.09 8.91 -6.39
CA ALA A 238 -6.41 8.70 -5.82
C ALA A 238 -7.53 8.57 -6.86
N TYR A 239 -7.31 9.15 -8.04
CA TYR A 239 -8.30 9.12 -9.11
C TYR A 239 -9.05 7.81 -9.27
N GLU B 2 3.56 -30.79 -20.95
CA GLU B 2 3.30 -29.66 -21.88
C GLU B 2 3.80 -28.28 -21.38
N ARG B 3 3.30 -27.58 -20.08
CA ARG B 3 3.96 -26.29 -19.99
C ARG B 3 5.38 -26.46 -19.50
N LYS B 4 6.24 -25.73 -19.96
CA LYS B 4 7.67 -25.80 -19.66
C LYS B 4 8.08 -24.71 -18.66
N ALA B 5 8.67 -25.11 -17.55
CA ALA B 5 9.07 -24.15 -16.52
C ALA B 5 10.52 -24.23 -16.05
N LEU B 6 11.07 -23.08 -15.72
CA LEU B 6 12.43 -22.95 -15.20
C LEU B 6 12.31 -22.32 -13.81
N VAL B 7 12.88 -22.98 -12.81
CA VAL B 7 12.83 -22.47 -11.44
C VAL B 7 14.25 -22.31 -10.91
N THR B 8 14.67 -21.08 -10.64
CA THR B 8 16.00 -20.85 -10.11
C THR B 8 15.91 -21.08 -8.60
N GLY B 9 17.02 -21.50 -7.99
CA GLY B 9 17.02 -21.79 -6.57
C GLY B 9 16.06 -22.93 -6.31
N GLY B 10 15.94 -23.83 -7.28
CA GLY B 10 15.02 -24.94 -7.17
C GLY B 10 15.49 -26.21 -6.48
N SER B 11 16.69 -26.21 -5.88
CA SER B 11 17.20 -27.40 -5.21
C SER B 11 16.82 -27.48 -3.73
N ARG B 12 16.39 -26.36 -3.15
CA ARG B 12 15.99 -26.35 -1.76
C ARG B 12 15.09 -25.18 -1.44
N GLY B 13 14.68 -25.08 -0.18
CA GLY B 13 13.82 -23.99 0.26
C GLY B 13 12.53 -23.83 -0.50
N ILE B 14 12.12 -22.57 -0.65
CA ILE B 14 10.88 -22.25 -1.35
C ILE B 14 10.95 -22.64 -2.82
N GLY B 15 12.10 -22.44 -3.45
CA GLY B 15 12.26 -22.79 -4.84
C GLY B 15 11.96 -24.26 -5.12
N ARG B 16 12.51 -25.15 -4.30
CA ARG B 16 12.26 -26.57 -4.49
C ARG B 16 10.78 -26.90 -4.36
N ALA B 17 10.14 -26.31 -3.34
CA ALA B 17 8.73 -26.56 -3.12
C ALA B 17 7.90 -26.13 -4.33
N ILE B 18 8.29 -25.03 -4.96
CA ILE B 18 7.56 -24.55 -6.13
C ILE B 18 7.78 -25.52 -7.29
N ALA B 19 9.02 -25.95 -7.49
CA ALA B 19 9.32 -26.89 -8.57
C ALA B 19 8.50 -28.16 -8.39
N GLU B 20 8.44 -28.64 -7.15
CA GLU B 20 7.69 -29.84 -6.81
C GLU B 20 6.21 -29.66 -7.14
N ALA B 21 5.68 -28.49 -6.81
CA ALA B 21 4.27 -28.18 -7.06
C ALA B 21 3.97 -28.12 -8.55
N LEU B 22 4.90 -27.59 -9.33
CA LEU B 22 4.69 -27.49 -10.78
C LEU B 22 4.76 -28.87 -11.42
N VAL B 23 5.68 -29.71 -10.94
CA VAL B 23 5.80 -31.06 -11.47
C VAL B 23 4.48 -31.80 -11.22
N ALA B 24 3.88 -31.54 -10.05
CA ALA B 24 2.63 -32.18 -9.69
C ALA B 24 1.48 -31.72 -10.60
N ARG B 25 1.61 -30.52 -11.15
CA ARG B 25 0.60 -29.96 -12.04
C ARG B 25 0.78 -30.50 -13.46
N GLY B 26 1.83 -31.30 -13.65
CA GLY B 26 2.09 -31.88 -14.96
C GLY B 26 3.06 -31.10 -15.84
N TYR B 27 3.68 -30.06 -15.28
CA TYR B 27 4.62 -29.25 -16.03
C TYR B 27 5.96 -29.96 -16.21
N ARG B 28 6.68 -29.62 -17.28
CA ARG B 28 8.00 -30.18 -17.52
C ARG B 28 8.88 -29.13 -16.87
N VAL B 29 9.52 -29.48 -15.76
CA VAL B 29 10.33 -28.53 -15.01
C VAL B 29 11.84 -28.72 -15.05
N ALA B 30 12.55 -27.59 -15.10
CA ALA B 30 14.00 -27.57 -15.08
C ALA B 30 14.35 -26.74 -13.85
N ILE B 31 15.27 -27.22 -13.03
CA ILE B 31 15.66 -26.45 -11.87
C ILE B 31 17.13 -26.04 -11.95
N ALA B 32 17.38 -24.80 -11.56
CA ALA B 32 18.72 -24.25 -11.60
C ALA B 32 19.24 -23.92 -10.20
N SER B 33 20.49 -24.30 -9.95
CA SER B 33 21.18 -24.07 -8.69
C SER B 33 22.59 -24.54 -8.94
N ARG B 34 23.49 -24.36 -7.97
CA ARG B 34 24.87 -24.78 -8.17
C ARG B 34 25.04 -26.29 -8.38
N ASN B 35 24.32 -27.08 -7.58
CA ASN B 35 24.39 -28.52 -7.81
C ASN B 35 23.02 -29.18 -7.61
N PRO B 36 22.25 -29.09 -8.70
CA PRO B 36 20.88 -29.64 -8.76
C PRO B 36 20.70 -31.11 -9.15
N GLU B 37 21.77 -31.79 -9.54
CA GLU B 37 21.67 -33.20 -9.95
C GLU B 37 20.77 -34.08 -9.09
N GLU B 38 21.16 -34.29 -7.84
CA GLU B 38 20.39 -35.14 -6.93
C GLU B 38 18.98 -34.63 -6.65
N ALA B 39 18.86 -33.33 -6.37
CA ALA B 39 17.54 -32.75 -6.09
C ALA B 39 16.61 -32.97 -7.27
N ALA B 40 17.10 -32.70 -8.47
CA ALA B 40 16.35 -32.83 -9.72
C ALA B 40 15.78 -34.24 -9.88
N GLN B 41 16.65 -35.24 -9.64
CA GLN B 41 16.21 -36.62 -9.78
C GLN B 41 15.12 -36.97 -8.75
N SER B 42 15.15 -36.58 -7.59
CA SER B 42 14.04 -36.91 -6.70
C SER B 42 12.76 -36.18 -7.13
N LEU B 43 12.92 -34.95 -7.60
CA LEU B 43 11.79 -34.13 -8.03
C LEU B 43 11.22 -34.56 -9.38
N GLY B 44 12.07 -35.14 -10.22
CA GLY B 44 11.62 -35.54 -11.54
C GLY B 44 11.70 -34.32 -12.44
N ALA B 45 12.76 -33.54 -12.26
CA ALA B 45 12.99 -32.35 -13.04
C ALA B 45 14.33 -32.42 -13.75
N VAL B 46 14.57 -31.48 -14.66
CA VAL B 46 15.82 -31.42 -15.40
C VAL B 46 16.78 -30.52 -14.64
N PRO B 47 17.99 -31.02 -14.34
CA PRO B 47 18.97 -30.23 -13.62
C PRO B 47 19.78 -29.30 -14.53
N LEU B 48 19.94 -28.06 -14.09
CA LEU B 48 20.72 -27.07 -14.84
C LEU B 48 21.71 -26.43 -13.89
N PRO B 49 22.90 -27.03 -13.74
CA PRO B 49 23.96 -26.52 -12.87
C PRO B 49 24.36 -25.11 -13.28
N THR B 50 24.37 -24.20 -12.32
CA THR B 50 24.72 -22.82 -12.61
C THR B 50 24.92 -22.00 -11.34
N ASP B 51 25.78 -20.98 -11.43
CA ASP B 51 26.01 -20.08 -10.31
C ASP B 51 25.44 -18.75 -10.77
N LEU B 52 24.18 -18.49 -10.40
CA LEU B 52 23.53 -17.26 -10.82
C LEU B 52 24.13 -15.97 -10.30
N GLU B 53 25.06 -16.06 -9.36
CA GLU B 53 25.69 -14.85 -8.85
C GLU B 53 26.81 -14.45 -9.81
N LYS B 54 27.10 -15.33 -10.75
CA LYS B 54 28.21 -15.04 -11.71
C LYS B 54 27.88 -15.42 -13.17
N ASP B 55 27.17 -16.50 -13.42
CA ASP B 55 26.89 -16.88 -14.79
C ASP B 55 25.84 -16.01 -15.50
N ASP B 56 26.05 -15.78 -16.79
CA ASP B 56 25.16 -14.96 -17.60
C ASP B 56 23.74 -15.52 -17.57
N PRO B 57 22.79 -14.74 -17.02
CA PRO B 57 21.40 -15.17 -16.94
C PRO B 57 20.76 -15.62 -18.26
N LYS B 58 21.02 -14.91 -19.35
CA LYS B 58 20.37 -15.33 -20.59
C LYS B 58 20.95 -16.65 -21.08
N GLY B 59 22.14 -16.99 -20.60
CA GLY B 59 22.74 -18.26 -20.98
C GLY B 59 21.94 -19.39 -20.34
N LEU B 60 21.45 -19.16 -19.12
CA LEU B 60 20.66 -20.15 -18.41
C LEU B 60 19.32 -20.36 -19.12
N VAL B 61 18.68 -19.26 -19.52
CA VAL B 61 17.40 -19.35 -20.22
C VAL B 61 17.57 -20.15 -21.51
N LYS B 62 18.66 -19.89 -22.23
CA LYS B 62 18.92 -20.60 -23.48
C LYS B 62 19.05 -22.11 -23.22
N ARG B 63 19.73 -22.46 -22.13
CA ARG B 63 19.91 -23.87 -21.79
C ARG B 63 18.58 -24.50 -21.40
N ALA B 64 17.73 -23.74 -20.72
CA ALA B 64 16.43 -24.23 -20.29
C ALA B 64 15.55 -24.46 -21.51
N LEU B 65 15.61 -23.53 -22.45
CA LEU B 65 14.83 -23.62 -23.68
C LEU B 65 15.17 -24.89 -24.44
N GLU B 66 16.47 -25.17 -24.55
CA GLU B 66 16.94 -26.35 -25.28
C GLU B 66 16.63 -27.65 -24.54
N ALA B 67 16.75 -27.65 -23.23
CA ALA B 67 16.49 -28.84 -22.43
C ALA B 67 15.00 -29.19 -22.33
N LEU B 68 14.15 -28.15 -22.30
CA LEU B 68 12.72 -28.36 -22.16
C LEU B 68 11.95 -28.37 -23.48
N GLY B 69 12.56 -27.83 -24.54
CA GLY B 69 11.90 -27.79 -25.83
C GLY B 69 10.96 -26.60 -25.93
N GLY B 70 11.15 -25.65 -25.03
CA GLY B 70 10.32 -24.46 -25.00
C GLY B 70 10.38 -23.85 -23.61
N LEU B 71 9.68 -22.74 -23.40
CA LEU B 71 9.68 -22.09 -22.09
C LEU B 71 8.42 -21.25 -21.92
N HIS B 72 7.63 -21.59 -20.90
CA HIS B 72 6.38 -20.88 -20.64
C HIS B 72 6.36 -20.20 -19.28
N VAL B 73 7.07 -20.80 -18.32
CA VAL B 73 7.09 -20.29 -16.96
C VAL B 73 8.48 -20.04 -16.39
N LEU B 74 8.65 -18.90 -15.73
CA LEU B 74 9.91 -18.53 -15.10
C LEU B 74 9.65 -18.18 -13.64
N VAL B 75 10.34 -18.87 -12.73
CA VAL B 75 10.21 -18.59 -11.31
C VAL B 75 11.62 -18.32 -10.79
N HIS B 76 11.86 -17.11 -10.31
CA HIS B 76 13.17 -16.74 -9.81
C HIS B 76 13.18 -16.83 -8.29
N ALA B 77 13.54 -18.01 -7.76
CA ALA B 77 13.57 -18.22 -6.33
C ALA B 77 14.96 -18.36 -5.69
N ALA B 78 15.99 -17.96 -6.41
CA ALA B 78 17.34 -18.02 -5.87
C ALA B 78 17.37 -17.21 -4.57
N ALA B 79 18.08 -17.69 -3.57
CA ALA B 79 18.16 -17.00 -2.29
C ALA B 79 19.57 -16.67 -1.85
N VAL B 80 19.71 -15.56 -1.13
CA VAL B 80 20.99 -15.10 -0.61
C VAL B 80 20.74 -13.85 0.21
N ASN B 81 21.58 -13.60 1.21
CA ASN B 81 21.41 -12.43 2.04
C ASN B 81 22.66 -12.17 2.86
N VAL B 82 22.81 -10.93 3.28
CA VAL B 82 23.92 -10.49 4.12
C VAL B 82 23.21 -9.69 5.19
N ARG B 83 23.02 -10.30 6.36
CA ARG B 83 22.31 -9.63 7.44
C ARG B 83 23.20 -8.66 8.23
N LYS B 84 23.41 -7.49 7.65
CA LYS B 84 24.23 -6.44 8.26
C LYS B 84 23.58 -5.08 8.09
N PRO B 85 23.66 -4.23 9.13
CA PRO B 85 23.06 -2.89 9.05
C PRO B 85 23.76 -2.05 7.98
N ALA B 86 23.08 -1.03 7.48
CA ALA B 86 23.61 -0.18 6.43
C ALA B 86 24.98 0.44 6.72
N LEU B 87 25.20 0.87 7.96
CA LEU B 87 26.48 1.48 8.31
C LEU B 87 27.65 0.50 8.35
N GLU B 88 27.35 -0.80 8.34
CA GLU B 88 28.38 -1.82 8.36
C GLU B 88 28.53 -2.49 7.00
N LEU B 89 27.45 -2.46 6.22
CA LEU B 89 27.41 -3.07 4.90
C LEU B 89 28.36 -2.41 3.90
N SER B 90 29.09 -3.23 3.14
CA SER B 90 30.00 -2.71 2.13
C SER B 90 29.22 -2.61 0.82
N TYR B 91 29.71 -1.79 -0.11
CA TYR B 91 29.03 -1.62 -1.39
C TYR B 91 29.05 -2.95 -2.16
N GLU B 92 30.10 -3.72 -1.98
CA GLU B 92 30.21 -5.02 -2.65
C GLU B 92 29.11 -5.94 -2.15
N GLU B 93 28.84 -5.89 -0.85
CA GLU B 93 27.79 -6.72 -0.26
C GLU B 93 26.43 -6.26 -0.72
N TRP B 94 26.27 -4.95 -0.78
CA TRP B 94 25.02 -4.33 -1.22
C TRP B 94 24.73 -4.83 -2.62
N ARG B 95 25.73 -4.73 -3.49
CA ARG B 95 25.60 -5.17 -4.89
C ARG B 95 25.37 -6.67 -5.02
N ARG B 96 25.96 -7.46 -4.14
CA ARG B 96 25.77 -8.91 -4.22
C ARG B 96 24.30 -9.24 -4.06
N VAL B 97 23.66 -8.63 -3.07
CA VAL B 97 22.25 -8.87 -2.80
C VAL B 97 21.35 -8.30 -3.91
N LEU B 98 21.57 -7.03 -4.26
CA LEU B 98 20.77 -6.39 -5.31
C LEU B 98 20.93 -7.09 -6.66
N TYR B 99 22.13 -7.56 -6.97
CA TYR B 99 22.35 -8.22 -8.25
C TYR B 99 21.57 -9.51 -8.39
N LEU B 100 21.74 -10.43 -7.43
CA LEU B 100 21.06 -11.71 -7.50
C LEU B 100 19.53 -11.61 -7.43
N HIS B 101 19.03 -10.79 -6.52
CA HIS B 101 17.56 -10.65 -6.34
C HIS B 101 16.90 -9.77 -7.41
N LEU B 102 17.53 -8.66 -7.78
CA LEU B 102 16.92 -7.73 -8.73
C LEU B 102 17.45 -7.72 -10.16
N ASP B 103 18.74 -7.45 -10.33
CA ASP B 103 19.32 -7.41 -11.67
C ASP B 103 19.10 -8.72 -12.41
N VAL B 104 19.31 -9.83 -11.71
CA VAL B 104 19.13 -11.14 -12.32
C VAL B 104 17.67 -11.41 -12.65
N ALA B 105 16.76 -10.88 -11.83
CA ALA B 105 15.33 -11.05 -12.09
C ALA B 105 15.02 -10.40 -13.44
N PHE B 106 15.53 -9.19 -13.63
CA PHE B 106 15.32 -8.45 -14.87
C PHE B 106 15.91 -9.19 -16.06
N LEU B 107 17.16 -9.62 -15.93
CA LEU B 107 17.83 -10.32 -17.03
C LEU B 107 17.15 -11.63 -17.42
N LEU B 108 16.76 -12.43 -16.43
CA LEU B 108 16.09 -13.70 -16.72
C LEU B 108 14.76 -13.45 -17.41
N ALA B 109 13.97 -12.52 -16.88
CA ALA B 109 12.67 -12.20 -17.45
C ALA B 109 12.80 -11.66 -18.87
N GLN B 110 13.74 -10.75 -19.06
CA GLN B 110 13.98 -10.14 -20.37
C GLN B 110 14.33 -11.21 -21.41
N ALA B 111 15.11 -12.20 -20.99
CA ALA B 111 15.53 -13.29 -21.88
C ALA B 111 14.41 -14.30 -22.14
N ALA B 112 13.58 -14.54 -21.14
CA ALA B 112 12.49 -15.50 -21.27
C ALA B 112 11.25 -15.00 -22.01
N ALA B 113 10.95 -13.72 -21.87
CA ALA B 113 9.77 -13.13 -22.49
C ALA B 113 9.53 -13.44 -23.97
N PRO B 114 10.56 -13.29 -24.82
CA PRO B 114 10.38 -13.57 -26.25
C PRO B 114 9.86 -14.98 -26.54
N HIS B 115 10.30 -15.94 -25.74
CA HIS B 115 9.88 -17.33 -25.92
C HIS B 115 8.45 -17.54 -25.46
N MET B 116 8.05 -16.84 -24.41
CA MET B 116 6.69 -16.94 -23.92
C MET B 116 5.77 -16.27 -24.94
N ALA B 117 6.21 -15.14 -25.47
CA ALA B 117 5.44 -14.40 -26.45
C ALA B 117 5.19 -15.23 -27.71
N GLU B 118 6.16 -16.01 -28.13
CA GLU B 118 5.92 -16.80 -29.33
C GLU B 118 4.99 -17.96 -29.03
N ALA B 119 4.91 -18.37 -27.77
CA ALA B 119 3.98 -19.43 -27.41
C ALA B 119 2.61 -18.81 -27.19
N GLY B 120 2.60 -17.49 -27.00
CA GLY B 120 1.36 -16.77 -26.77
C GLY B 120 0.80 -16.99 -25.37
N TRP B 121 1.64 -17.48 -24.47
CA TRP B 121 1.23 -17.74 -23.11
C TRP B 121 2.48 -17.78 -22.24
N GLY B 122 2.46 -17.05 -21.14
CA GLY B 122 3.61 -17.05 -20.26
C GLY B 122 3.30 -16.63 -18.85
N ARG B 123 4.12 -17.10 -17.91
CA ARG B 123 3.95 -16.76 -16.51
C ARG B 123 5.32 -16.45 -15.91
N VAL B 124 5.46 -15.25 -15.36
CA VAL B 124 6.71 -14.86 -14.71
C VAL B 124 6.35 -14.68 -13.25
N LEU B 125 7.05 -15.40 -12.37
CA LEU B 125 6.78 -15.28 -10.95
C LEU B 125 8.03 -14.89 -10.20
N PHE B 126 8.06 -13.65 -9.72
CA PHE B 126 9.19 -13.18 -8.95
C PHE B 126 8.83 -13.53 -7.51
N ILE B 127 9.84 -13.62 -6.66
CA ILE B 127 9.59 -13.94 -5.26
C ILE B 127 9.89 -12.75 -4.38
N GLY B 128 8.86 -12.25 -3.72
CA GLY B 128 8.99 -11.11 -2.84
C GLY B 128 9.28 -11.56 -1.43
N SER B 129 8.75 -10.82 -0.46
CA SER B 129 8.99 -11.13 0.94
C SER B 129 8.15 -10.21 1.80
N VAL B 130 8.12 -10.45 3.10
CA VAL B 130 7.38 -9.57 3.97
C VAL B 130 8.13 -8.24 3.92
N THR B 131 9.40 -8.29 3.52
CA THR B 131 10.21 -7.08 3.44
C THR B 131 9.94 -6.29 2.17
N THR B 132 8.92 -6.71 1.41
CA THR B 132 8.52 -6.00 0.22
C THR B 132 7.62 -4.88 0.74
N PHE B 133 7.10 -5.08 1.95
CA PHE B 133 6.18 -4.14 2.59
C PHE B 133 6.63 -3.60 3.94
N THR B 134 7.69 -4.18 4.49
CA THR B 134 8.23 -3.76 5.78
C THR B 134 9.76 -3.79 5.71
N ALA B 135 10.42 -3.44 6.81
CA ALA B 135 11.88 -3.43 6.83
C ALA B 135 12.52 -4.61 7.57
N GLY B 136 11.76 -5.68 7.76
CA GLY B 136 12.33 -6.85 8.42
C GLY B 136 12.31 -6.89 9.93
N GLY B 137 11.74 -5.86 10.55
CA GLY B 137 11.65 -5.84 12.01
C GLY B 137 12.95 -5.95 12.79
N PRO B 138 13.08 -6.96 13.66
CA PRO B 138 14.30 -7.13 14.46
C PRO B 138 15.54 -7.60 13.70
N VAL B 139 15.42 -7.79 12.40
CA VAL B 139 16.54 -8.24 11.57
C VAL B 139 17.09 -7.10 10.73
N PRO B 140 18.42 -6.89 10.73
CA PRO B 140 19.03 -5.82 9.94
C PRO B 140 19.33 -6.29 8.52
N ILE B 141 18.36 -6.08 7.62
CA ILE B 141 18.53 -6.50 6.23
C ILE B 141 18.12 -5.42 5.22
N PRO B 142 18.80 -4.26 5.24
CA PRO B 142 18.49 -3.16 4.32
C PRO B 142 18.62 -3.50 2.83
N ALA B 143 19.66 -4.22 2.44
CA ALA B 143 19.87 -4.57 1.04
C ALA B 143 18.76 -5.49 0.53
N TYR B 144 18.43 -6.50 1.35
CA TYR B 144 17.40 -7.48 1.02
C TYR B 144 16.06 -6.77 0.89
N THR B 145 15.73 -5.94 1.88
CA THR B 145 14.49 -5.18 1.89
C THR B 145 14.37 -4.36 0.62
N THR B 146 15.44 -3.65 0.29
CA THR B 146 15.46 -2.82 -0.90
C THR B 146 15.19 -3.62 -2.17
N ALA B 147 15.90 -4.73 -2.33
CA ALA B 147 15.74 -5.58 -3.51
C ALA B 147 14.34 -6.19 -3.61
N LYS B 148 13.82 -6.71 -2.51
CA LYS B 148 12.50 -7.33 -2.52
C LYS B 148 11.37 -6.32 -2.74
N THR B 149 11.63 -5.06 -2.38
CA THR B 149 10.63 -4.02 -2.58
C THR B 149 10.74 -3.56 -4.05
N ALA B 150 11.97 -3.51 -4.55
CA ALA B 150 12.22 -3.11 -5.92
C ALA B 150 11.49 -4.05 -6.87
N LEU B 151 11.41 -5.33 -6.50
CA LEU B 151 10.75 -6.32 -7.33
C LEU B 151 9.27 -5.99 -7.58
N LEU B 152 8.64 -5.29 -6.65
CA LEU B 152 7.23 -4.93 -6.84
C LEU B 152 7.12 -3.97 -8.02
N GLY B 153 8.08 -3.06 -8.11
CA GLY B 153 8.08 -2.11 -9.21
C GLY B 153 8.34 -2.81 -10.53
N LEU B 154 9.31 -3.71 -10.54
CA LEU B 154 9.63 -4.45 -11.76
C LEU B 154 8.44 -5.31 -12.18
N THR B 155 7.74 -5.87 -11.19
CA THR B 155 6.57 -6.69 -11.45
C THR B 155 5.50 -5.90 -12.19
N ARG B 156 5.20 -4.71 -11.69
CA ARG B 156 4.19 -3.87 -12.33
C ARG B 156 4.64 -3.46 -13.73
N ALA B 157 5.92 -3.05 -13.84
CA ALA B 157 6.46 -2.61 -15.12
C ALA B 157 6.40 -3.67 -16.22
N LEU B 158 6.86 -4.88 -15.91
CA LEU B 158 6.85 -5.94 -16.90
C LEU B 158 5.44 -6.44 -17.18
N ALA B 159 4.60 -6.45 -16.16
CA ALA B 159 3.21 -6.88 -16.34
C ALA B 159 2.53 -5.95 -17.33
N LYS B 160 2.79 -4.65 -17.19
CA LYS B 160 2.19 -3.67 -18.09
C LYS B 160 2.68 -3.83 -19.53
N GLU B 161 3.99 -4.00 -19.68
CA GLU B 161 4.61 -4.15 -20.99
C GLU B 161 4.27 -5.43 -21.76
N TRP B 162 4.15 -6.54 -21.03
CA TRP B 162 3.92 -7.81 -21.69
C TRP B 162 2.51 -8.39 -21.64
N ALA B 163 1.55 -7.65 -21.10
CA ALA B 163 0.18 -8.14 -20.99
C ALA B 163 -0.39 -8.60 -22.34
N ARG B 164 -0.23 -7.77 -23.37
CA ARG B 164 -0.75 -8.11 -24.70
C ARG B 164 -0.08 -9.32 -25.33
N LEU B 165 1.09 -9.70 -24.81
CA LEU B 165 1.83 -10.85 -25.34
C LEU B 165 1.32 -12.16 -24.78
N GLY B 166 0.44 -12.08 -23.79
CA GLY B 166 -0.10 -13.29 -23.18
C GLY B 166 0.67 -13.68 -21.93
N ILE B 167 1.54 -12.77 -21.49
CA ILE B 167 2.37 -13.02 -20.31
C ILE B 167 1.82 -12.31 -19.08
N ARG B 168 1.79 -13.03 -17.96
CA ARG B 168 1.33 -12.47 -16.70
C ARG B 168 2.55 -12.44 -15.80
N VAL B 169 2.76 -11.33 -15.11
CA VAL B 169 3.92 -11.18 -14.21
C VAL B 169 3.42 -10.80 -12.82
N ASN B 170 3.74 -11.62 -11.83
CA ASN B 170 3.31 -11.35 -10.47
C ASN B 170 4.41 -11.57 -9.44
N LEU B 171 4.18 -11.10 -8.22
CA LEU B 171 5.16 -11.21 -7.15
C LEU B 171 4.58 -11.98 -5.95
N LEU B 172 5.06 -13.20 -5.75
CA LEU B 172 4.61 -14.01 -4.62
C LEU B 172 5.43 -13.56 -3.42
N CYS B 173 4.75 -13.14 -2.36
CA CYS B 173 5.43 -12.68 -1.16
C CYS B 173 5.20 -13.61 0.02
N PRO B 174 6.14 -14.54 0.25
CA PRO B 174 6.01 -15.48 1.36
C PRO B 174 6.21 -14.76 2.68
N GLY B 175 5.65 -15.32 3.74
CA GLY B 175 5.83 -14.73 5.05
C GLY B 175 7.07 -15.38 5.63
N TYR B 176 6.98 -15.80 6.89
CA TYR B 176 8.09 -16.45 7.56
C TYR B 176 7.95 -17.95 7.35
N VAL B 177 8.91 -18.52 6.63
CA VAL B 177 8.91 -19.94 6.26
C VAL B 177 10.03 -20.75 6.90
N GLU B 178 9.74 -22.01 7.20
CA GLU B 178 10.73 -22.90 7.82
C GLU B 178 11.68 -23.47 6.76
N THR B 179 12.92 -22.98 6.76
CA THR B 179 13.96 -23.43 5.84
C THR B 179 15.31 -23.25 6.49
N GLU B 180 16.32 -23.92 5.96
CA GLU B 180 17.68 -23.79 6.47
C GLU B 180 18.08 -22.31 6.39
N PHE B 181 17.61 -21.65 5.33
CA PHE B 181 17.90 -20.24 5.10
C PHE B 181 17.44 -19.32 6.23
N THR B 182 16.29 -19.61 6.82
CA THR B 182 15.77 -18.78 7.91
C THR B 182 16.12 -19.31 9.30
N LEU B 183 16.83 -20.41 9.35
CA LEU B 183 17.20 -21.02 10.62
C LEU B 183 17.85 -20.06 11.63
N PRO B 184 18.79 -19.21 11.19
CA PRO B 184 19.39 -18.29 12.16
C PRO B 184 18.33 -17.44 12.86
N LEU B 185 17.23 -17.16 12.17
CA LEU B 185 16.12 -16.40 12.73
C LEU B 185 15.27 -17.23 13.69
N ARG B 186 14.86 -18.39 13.20
CA ARG B 186 13.99 -19.27 13.98
C ARG B 186 14.60 -19.80 15.27
N GLN B 187 15.88 -20.14 15.23
CA GLN B 187 16.54 -20.69 16.41
C GLN B 187 16.79 -19.73 17.56
N ASN B 188 16.82 -18.43 17.25
CA ASN B 188 17.12 -17.37 18.21
C ASN B 188 15.83 -16.75 18.79
N PRO B 189 15.45 -17.06 20.05
CA PRO B 189 14.22 -16.50 20.65
C PRO B 189 14.04 -14.99 20.52
N GLU B 190 15.13 -14.25 20.62
CA GLU B 190 15.04 -12.80 20.54
C GLU B 190 14.50 -12.32 19.19
N LEU B 191 14.59 -13.19 18.19
CA LEU B 191 14.07 -12.86 16.87
C LEU B 191 12.77 -13.62 16.61
N TYR B 192 12.79 -14.93 16.83
CA TYR B 192 11.62 -15.76 16.61
C TYR B 192 10.38 -15.35 17.40
N GLU B 193 10.54 -15.11 18.69
CA GLU B 193 9.38 -14.74 19.51
C GLU B 193 8.64 -13.47 19.06
N PRO B 194 9.34 -12.34 18.92
CA PRO B 194 8.68 -11.08 18.50
C PRO B 194 8.03 -11.19 17.11
N ILE B 195 8.67 -11.94 16.22
CA ILE B 195 8.14 -12.12 14.88
C ILE B 195 6.90 -13.00 14.91
N THR B 196 7.01 -14.15 15.56
CA THR B 196 5.90 -15.09 15.64
C THR B 196 4.69 -14.54 16.38
N ALA B 197 4.92 -13.61 17.30
CA ALA B 197 3.84 -13.00 18.06
C ALA B 197 2.95 -12.18 17.13
N ARG B 198 3.49 -11.83 15.96
CA ARG B 198 2.77 -11.03 14.98
C ARG B 198 2.14 -11.86 13.85
N ILE B 199 2.29 -13.18 13.93
CA ILE B 199 1.70 -14.06 12.93
C ILE B 199 0.41 -14.62 13.53
N PRO B 200 -0.75 -14.13 13.06
CA PRO B 200 -2.04 -14.59 13.58
C PRO B 200 -2.18 -16.10 13.64
N MET B 201 -1.66 -16.82 12.64
CA MET B 201 -1.77 -18.27 12.64
C MET B 201 -0.87 -18.91 13.70
N GLY B 202 -0.01 -18.11 14.31
CA GLY B 202 0.87 -18.58 15.37
C GLY B 202 1.98 -19.56 15.04
N ARG B 203 2.29 -19.70 13.76
CA ARG B 203 3.34 -20.62 13.34
C ARG B 203 3.93 -20.19 12.02
N TRP B 204 5.15 -20.65 11.74
CA TRP B 204 5.80 -20.34 10.49
C TRP B 204 5.27 -21.33 9.45
N ALA B 205 5.43 -20.99 8.18
CA ALA B 205 4.93 -21.84 7.12
C ALA B 205 5.89 -22.92 6.64
N ARG B 206 5.32 -23.95 6.03
CA ARG B 206 6.10 -25.03 5.44
C ARG B 206 6.24 -24.55 4.01
N PRO B 207 7.40 -24.76 3.38
CA PRO B 207 7.57 -24.31 2.00
C PRO B 207 6.44 -24.73 1.07
N GLU B 208 5.93 -25.95 1.26
CA GLU B 208 4.86 -26.48 0.42
C GLU B 208 3.58 -25.63 0.50
N GLU B 209 3.32 -25.04 1.66
CA GLU B 209 2.13 -24.21 1.82
C GLU B 209 2.26 -22.94 0.97
N ILE B 210 3.49 -22.49 0.78
CA ILE B 210 3.73 -21.30 -0.04
C ILE B 210 3.63 -21.71 -1.51
N ALA B 211 4.17 -22.87 -1.83
CA ALA B 211 4.16 -23.39 -3.20
C ALA B 211 2.75 -23.57 -3.79
N ARG B 212 1.77 -23.83 -2.93
CA ARG B 212 0.39 -24.00 -3.39
C ARG B 212 -0.08 -22.77 -4.15
N VAL B 213 0.26 -21.60 -3.63
CA VAL B 213 -0.14 -20.34 -4.25
C VAL B 213 0.74 -20.05 -5.46
N ALA B 214 2.02 -20.39 -5.37
CA ALA B 214 2.93 -20.17 -6.48
C ALA B 214 2.41 -20.91 -7.71
N ALA B 215 1.93 -22.13 -7.50
CA ALA B 215 1.40 -22.95 -8.59
C ALA B 215 0.24 -22.24 -9.28
N VAL B 216 -0.63 -21.63 -8.48
CA VAL B 216 -1.79 -20.90 -9.01
C VAL B 216 -1.35 -19.75 -9.90
N LEU B 217 -0.35 -19.01 -9.46
CA LEU B 217 0.15 -17.87 -10.21
C LEU B 217 0.94 -18.31 -11.44
N CYS B 218 1.16 -19.61 -11.57
CA CYS B 218 1.87 -20.16 -12.71
C CYS B 218 0.92 -20.93 -13.63
N GLY B 219 -0.38 -20.77 -13.39
CA GLY B 219 -1.35 -21.48 -14.20
C GLY B 219 -2.47 -20.63 -14.78
N ASP B 220 -3.48 -21.28 -15.34
CA ASP B 220 -4.61 -20.59 -15.94
C ASP B 220 -5.45 -19.80 -14.94
N GLU B 221 -5.26 -20.06 -13.65
CA GLU B 221 -6.02 -19.33 -12.64
C GLU B 221 -5.64 -17.86 -12.68
N ALA B 222 -4.44 -17.56 -13.17
CA ALA B 222 -3.95 -16.19 -13.24
C ALA B 222 -4.15 -15.54 -14.60
N GLU B 223 -5.08 -16.07 -15.39
CA GLU B 223 -5.33 -15.54 -16.72
C GLU B 223 -5.62 -14.03 -16.73
N TYR B 224 -6.30 -13.53 -15.72
CA TYR B 224 -6.62 -12.10 -15.66
C TYR B 224 -5.96 -11.47 -14.43
N LEU B 225 -4.94 -12.14 -13.90
CA LEU B 225 -4.24 -11.64 -12.72
C LEU B 225 -2.80 -11.30 -13.08
N THR B 226 -2.47 -10.01 -13.07
CA THR B 226 -1.11 -9.61 -13.42
C THR B 226 -0.70 -8.27 -12.81
N GLY B 227 0.60 -8.10 -12.57
CA GLY B 227 1.13 -6.87 -12.01
C GLY B 227 0.85 -6.72 -10.53
N GLN B 228 0.58 -7.84 -9.86
CA GLN B 228 0.25 -7.83 -8.45
C GLN B 228 1.15 -8.62 -7.52
N ALA B 229 1.16 -8.21 -6.25
CA ALA B 229 1.91 -8.92 -5.23
C ALA B 229 0.85 -9.70 -4.47
N VAL B 230 1.15 -10.97 -4.16
CA VAL B 230 0.21 -11.79 -3.42
C VAL B 230 0.97 -12.28 -2.20
N ALA B 231 0.56 -11.82 -1.03
CA ALA B 231 1.23 -12.20 0.21
C ALA B 231 0.61 -13.43 0.85
N VAL B 232 1.45 -14.42 1.13
CA VAL B 232 1.02 -15.66 1.76
C VAL B 232 1.87 -15.69 3.03
N ASP B 233 1.34 -15.08 4.09
CA ASP B 233 2.10 -14.93 5.33
C ASP B 233 1.39 -15.27 6.65
N GLY B 234 0.33 -16.08 6.60
CA GLY B 234 -0.36 -16.45 7.82
C GLY B 234 -0.96 -15.27 8.59
N GLY B 235 -1.10 -14.13 7.91
CA GLY B 235 -1.69 -12.96 8.55
C GLY B 235 -0.72 -11.92 9.09
N PHE B 236 0.58 -12.17 8.95
CA PHE B 236 1.61 -11.27 9.46
C PHE B 236 1.43 -9.79 9.11
N LEU B 237 1.34 -9.49 7.82
CA LEU B 237 1.20 -8.10 7.39
C LEU B 237 -0.09 -7.43 7.86
N ALA B 238 -1.17 -8.21 7.96
CA ALA B 238 -2.47 -7.69 8.39
C ALA B 238 -2.54 -7.41 9.89
N TYR B 239 -1.76 -8.15 10.67
CA TYR B 239 -1.75 -8.03 12.13
C TYR B 239 -1.87 -6.61 12.68
N GLU C 2 -7.59 34.63 9.38
CA GLU C 2 -8.14 34.70 8.02
C GLU C 2 -8.64 33.36 7.52
N ARG C 3 -7.94 32.29 7.87
CA ARG C 3 -8.65 31.08 7.52
C ARG C 3 -9.53 30.70 8.68
N LYS C 4 -10.73 30.21 8.49
CA LYS C 4 -11.63 29.80 9.56
C LYS C 4 -11.62 28.28 9.63
N ALA C 5 -11.38 27.73 10.82
CA ALA C 5 -11.31 26.29 10.99
C ALA C 5 -12.17 25.73 12.11
N LEU C 6 -12.69 24.54 11.88
CA LEU C 6 -13.50 23.83 12.84
C LEU C 6 -12.79 22.52 13.15
N VAL C 7 -12.56 22.26 14.43
CA VAL C 7 -11.89 21.03 14.86
C VAL C 7 -12.76 20.26 15.85
N THR C 8 -13.19 19.06 15.49
CA THR C 8 -14.00 18.26 16.40
C THR C 8 -13.04 17.50 17.31
N GLY C 9 -13.48 17.21 18.53
CA GLY C 9 -12.61 16.54 19.49
C GLY C 9 -11.47 17.49 19.79
N GLY C 10 -11.76 18.79 19.71
CA GLY C 10 -10.75 19.80 19.91
C GLY C 10 -10.38 20.24 21.31
N SER C 11 -10.95 19.62 22.35
CA SER C 11 -10.61 20.02 23.71
C SER C 11 -9.60 19.11 24.39
N ARG C 12 -9.28 17.97 23.76
CA ARG C 12 -8.33 17.02 24.34
C ARG C 12 -7.49 16.34 23.28
N GLY C 13 -6.40 15.71 23.73
CA GLY C 13 -5.51 14.97 22.85
C GLY C 13 -5.06 15.58 21.53
N ILE C 14 -5.16 14.78 20.47
CA ILE C 14 -4.76 15.21 19.14
C ILE C 14 -5.58 16.40 18.66
N GLY C 15 -6.89 16.35 18.86
CA GLY C 15 -7.74 17.45 18.43
C GLY C 15 -7.31 18.78 19.02
N ARG C 16 -7.06 18.80 20.32
CA ARG C 16 -6.64 20.02 20.98
C ARG C 16 -5.30 20.50 20.44
N ALA C 17 -4.37 19.58 20.23
CA ALA C 17 -3.06 19.93 19.71
C ALA C 17 -3.18 20.55 18.32
N ILE C 18 -4.07 20.00 17.50
CA ILE C 18 -4.26 20.53 16.15
C ILE C 18 -4.85 21.93 16.22
N ALA C 19 -5.85 22.12 17.09
CA ALA C 19 -6.48 23.43 17.24
C ALA C 19 -5.41 24.46 17.65
N GLU C 20 -4.54 24.08 18.58
CA GLU C 20 -3.50 24.99 19.03
C GLU C 20 -2.54 25.34 17.90
N ALA C 21 -2.19 24.35 17.08
CA ALA C 21 -1.29 24.57 15.95
C ALA C 21 -1.90 25.50 14.90
N LEU C 22 -3.21 25.37 14.70
CA LEU C 22 -3.88 26.21 13.71
C LEU C 22 -3.99 27.65 14.21
N VAL C 23 -4.23 27.81 15.51
CA VAL C 23 -4.31 29.15 16.08
C VAL C 23 -2.95 29.81 15.94
N ALA C 24 -1.90 29.03 16.15
CA ALA C 24 -0.53 29.51 16.05
C ALA C 24 -0.23 29.99 14.64
N ARG C 25 -0.98 29.50 13.68
CA ARG C 25 -0.79 29.89 12.30
C ARG C 25 -1.63 31.08 11.91
N GLY C 26 -2.35 31.62 12.87
CA GLY C 26 -3.19 32.77 12.61
C GLY C 26 -4.61 32.48 12.17
N TYR C 27 -5.02 31.21 12.25
CA TYR C 27 -6.38 30.83 11.86
C TYR C 27 -7.37 31.15 12.97
N ARG C 28 -8.61 31.43 12.60
CA ARG C 28 -9.65 31.68 13.59
C ARG C 28 -10.26 30.29 13.76
N VAL C 29 -10.09 29.72 14.96
CA VAL C 29 -10.54 28.37 15.23
C VAL C 29 -11.71 28.20 16.18
N ALA C 30 -12.56 27.22 15.86
CA ALA C 30 -13.71 26.86 16.68
C ALA C 30 -13.50 25.39 17.04
N ILE C 31 -13.61 25.06 18.32
CA ILE C 31 -13.45 23.67 18.71
C ILE C 31 -14.75 23.10 19.24
N ALA C 32 -15.05 21.88 18.82
CA ALA C 32 -16.25 21.21 19.25
C ALA C 32 -15.92 19.98 20.09
N SER C 33 -16.63 19.83 21.20
CA SER C 33 -16.48 18.71 22.10
C SER C 33 -17.61 18.86 23.12
N ARG C 34 -17.78 17.88 24.00
CA ARG C 34 -18.85 17.95 25.00
C ARG C 34 -18.62 19.07 26.01
N ASN C 35 -17.36 19.35 26.33
CA ASN C 35 -17.03 20.43 27.28
C ASN C 35 -15.78 21.16 26.82
N PRO C 36 -15.93 22.02 25.81
CA PRO C 36 -14.84 22.81 25.22
C PRO C 36 -14.50 24.15 25.88
N GLU C 37 -15.29 24.58 26.85
CA GLU C 37 -15.06 25.86 27.53
C GLU C 37 -13.62 26.15 27.96
N GLU C 38 -13.07 25.29 28.81
CA GLU C 38 -11.70 25.45 29.33
C GLU C 38 -10.64 25.50 28.22
N ALA C 39 -10.71 24.55 27.29
CA ALA C 39 -9.74 24.49 26.20
C ALA C 39 -9.85 25.70 25.27
N ALA C 40 -11.08 26.09 24.96
CA ALA C 40 -11.31 27.24 24.08
C ALA C 40 -10.69 28.50 24.67
N GLN C 41 -10.90 28.71 25.96
CA GLN C 41 -10.36 29.96 26.47
C GLN C 41 -8.83 29.88 26.62
N SER C 42 -8.24 28.72 26.93
CA SER C 42 -6.80 28.57 26.95
C SER C 42 -6.13 28.70 25.58
N LEU C 43 -6.78 28.13 24.55
CA LEU C 43 -6.22 28.18 23.20
C LEU C 43 -6.56 29.45 22.44
N GLY C 44 -7.62 30.13 22.86
CA GLY C 44 -8.03 31.33 22.16
C GLY C 44 -8.87 30.93 20.98
N ALA C 45 -9.82 30.01 21.22
CA ALA C 45 -10.70 29.52 20.18
C ALA C 45 -12.15 29.67 20.59
N VAL C 46 -13.05 29.53 19.62
CA VAL C 46 -14.49 29.64 19.88
C VAL C 46 -15.01 28.28 20.34
N PRO C 47 -15.63 28.23 21.52
CA PRO C 47 -16.16 26.96 22.03
C PRO C 47 -17.52 26.61 21.42
N LEU C 48 -17.67 25.36 20.99
CA LEU C 48 -18.92 24.90 20.41
C LEU C 48 -19.30 23.60 21.11
N PRO C 49 -19.97 23.70 22.28
CA PRO C 49 -20.40 22.54 23.05
C PRO C 49 -21.29 21.67 22.18
N THR C 50 -20.95 20.39 22.07
CA THR C 50 -21.73 19.47 21.23
C THR C 50 -21.44 18.03 21.58
N ASP C 51 -22.42 17.17 21.34
CA ASP C 51 -22.24 15.74 21.53
C ASP C 51 -22.25 15.22 20.10
N LEU C 52 -21.06 15.06 19.53
CA LEU C 52 -20.95 14.61 18.14
C LEU C 52 -21.57 13.25 17.85
N GLU C 53 -21.78 12.44 18.87
CA GLU C 53 -22.39 11.13 18.63
C GLU C 53 -23.89 11.25 18.60
N LYS C 54 -24.41 12.37 19.11
CA LYS C 54 -25.85 12.55 19.18
C LYS C 54 -26.45 13.81 18.54
N ASP C 55 -25.63 14.80 18.24
CA ASP C 55 -26.15 16.02 17.61
C ASP C 55 -25.96 15.97 16.09
N ASP C 56 -26.89 16.59 15.37
CA ASP C 56 -26.82 16.60 13.90
C ASP C 56 -25.56 17.30 13.40
N PRO C 57 -24.67 16.55 12.72
CA PRO C 57 -23.41 17.09 12.19
C PRO C 57 -23.50 18.38 11.39
N LYS C 58 -24.43 18.47 10.46
CA LYS C 58 -24.50 19.69 9.66
C LYS C 58 -24.90 20.88 10.52
N GLY C 59 -25.56 20.59 11.64
CA GLY C 59 -25.93 21.66 12.54
C GLY C 59 -24.70 22.27 13.17
N LEU C 60 -23.70 21.43 13.45
CA LEU C 60 -22.45 21.88 14.04
C LEU C 60 -21.71 22.76 13.02
N VAL C 61 -21.77 22.36 11.76
CA VAL C 61 -21.11 23.13 10.70
C VAL C 61 -21.75 24.49 10.58
N LYS C 62 -23.07 24.54 10.72
CA LYS C 62 -23.81 25.80 10.62
C LYS C 62 -23.39 26.71 11.77
N ARG C 63 -23.29 26.15 12.98
CA ARG C 63 -22.90 26.93 14.15
C ARG C 63 -21.49 27.48 13.99
N ALA C 64 -20.59 26.66 13.43
CA ALA C 64 -19.21 27.06 13.21
C ALA C 64 -19.15 28.19 12.20
N LEU C 65 -19.93 28.05 11.13
CA LEU C 65 -19.96 29.06 10.07
C LEU C 65 -20.40 30.41 10.61
N GLU C 66 -21.44 30.41 11.45
CA GLU C 66 -21.97 31.62 12.03
C GLU C 66 -21.03 32.25 13.06
N ALA C 67 -20.35 31.42 13.82
CA ALA C 67 -19.43 31.89 14.85
C ALA C 67 -18.11 32.40 14.28
N LEU C 68 -17.69 31.83 13.16
CA LEU C 68 -16.43 32.22 12.54
C LEU C 68 -16.60 33.17 11.36
N GLY C 69 -17.83 33.29 10.86
CA GLY C 69 -18.08 34.17 9.73
C GLY C 69 -17.54 33.59 8.44
N GLY C 70 -17.46 32.25 8.40
CA GLY C 70 -16.96 31.57 7.23
C GLY C 70 -16.38 30.23 7.64
N LEU C 71 -15.91 29.43 6.68
CA LEU C 71 -15.32 28.14 6.98
C LEU C 71 -14.41 27.67 5.85
N HIS C 72 -13.14 27.47 6.16
CA HIS C 72 -12.15 27.04 5.18
C HIS C 72 -11.53 25.70 5.51
N VAL C 73 -11.48 25.38 6.80
CA VAL C 73 -10.84 24.15 7.27
C VAL C 73 -11.70 23.29 8.19
N LEU C 74 -11.70 21.99 7.94
CA LEU C 74 -12.44 21.04 8.77
C LEU C 74 -11.51 19.91 9.20
N VAL C 75 -11.41 19.70 10.50
CA VAL C 75 -10.59 18.62 11.05
C VAL C 75 -11.50 17.80 11.95
N HIS C 76 -11.68 16.54 11.60
CA HIS C 76 -12.54 15.66 12.39
C HIS C 76 -11.66 14.76 13.26
N ALA C 77 -11.34 15.25 14.45
CA ALA C 77 -10.48 14.52 15.38
C ALA C 77 -11.19 13.90 16.58
N ALA C 78 -12.53 13.85 16.52
CA ALA C 78 -13.28 13.26 17.62
C ALA C 78 -12.91 11.79 17.74
N ALA C 79 -12.84 11.28 18.96
CA ALA C 79 -12.46 9.89 19.16
C ALA C 79 -13.43 9.11 20.05
N VAL C 80 -13.56 7.82 19.74
CA VAL C 80 -14.43 6.91 20.48
C VAL C 80 -14.01 5.50 20.08
N ASN C 81 -14.26 4.53 20.95
CA ASN C 81 -13.90 3.17 20.63
C ASN C 81 -14.63 2.19 21.54
N VAL C 82 -14.74 0.96 21.05
CA VAL C 82 -15.34 -0.14 21.79
C VAL C 82 -14.34 -1.24 21.48
N ARG C 83 -13.40 -1.46 22.38
CA ARG C 83 -12.36 -2.45 22.17
C ARG C 83 -12.76 -3.87 22.51
N LYS C 84 -13.58 -4.45 21.65
CA LYS C 84 -14.06 -5.82 21.80
C LYS C 84 -13.90 -6.57 20.49
N PRO C 85 -13.56 -7.86 20.55
CA PRO C 85 -13.42 -8.66 19.33
C PRO C 85 -14.75 -8.81 18.61
N ALA C 86 -14.68 -9.05 17.31
CA ALA C 86 -15.89 -9.21 16.48
C ALA C 86 -16.95 -10.15 17.03
N LEU C 87 -16.53 -11.29 17.56
CA LEU C 87 -17.49 -12.26 18.10
C LEU C 87 -18.19 -11.81 19.38
N GLU C 88 -17.65 -10.79 20.02
CA GLU C 88 -18.23 -10.26 21.27
C GLU C 88 -18.93 -8.94 21.04
N LEU C 89 -18.66 -8.33 19.90
CA LEU C 89 -19.23 -7.02 19.55
C LEU C 89 -20.68 -7.10 19.09
N SER C 90 -21.51 -6.15 19.56
CA SER C 90 -22.91 -6.11 19.16
C SER C 90 -23.00 -5.19 17.95
N TYR C 91 -24.08 -5.30 17.19
CA TYR C 91 -24.25 -4.45 16.01
C TYR C 91 -24.35 -2.99 16.45
N GLU C 92 -24.97 -2.76 17.60
CA GLU C 92 -25.10 -1.39 18.09
C GLU C 92 -23.73 -0.79 18.39
N GLU C 93 -22.82 -1.60 18.94
CA GLU C 93 -21.47 -1.12 19.25
C GLU C 93 -20.71 -0.87 17.95
N TRP C 94 -20.86 -1.78 17.00
CA TRP C 94 -20.21 -1.62 15.70
C TRP C 94 -20.67 -0.30 15.10
N ARG C 95 -21.97 -0.07 15.14
CA ARG C 95 -22.54 1.16 14.61
C ARG C 95 -22.11 2.41 15.38
N ARG C 96 -21.86 2.27 16.68
CA ARG C 96 -21.43 3.44 17.44
C ARG C 96 -20.09 3.93 16.90
N VAL C 97 -19.17 2.99 16.72
CA VAL C 97 -17.84 3.32 16.22
C VAL C 97 -17.87 3.77 14.77
N LEU C 98 -18.54 3.02 13.90
CA LEU C 98 -18.62 3.37 12.49
C LEU C 98 -19.32 4.70 12.24
N TYR C 99 -20.32 5.01 13.05
CA TYR C 99 -21.05 6.27 12.89
C TYR C 99 -20.18 7.48 13.18
N LEU C 100 -19.60 7.50 14.35
CA LEU C 100 -18.76 8.62 14.76
C LEU C 100 -17.52 8.82 13.89
N HIS C 101 -16.81 7.74 13.61
CA HIS C 101 -15.60 7.85 12.79
C HIS C 101 -15.82 8.04 11.30
N LEU C 102 -16.78 7.32 10.73
CA LEU C 102 -17.01 7.38 9.29
C LEU C 102 -18.24 8.13 8.81
N ASP C 103 -19.43 7.79 9.32
CA ASP C 103 -20.64 8.48 8.88
C ASP C 103 -20.55 9.97 9.16
N VAL C 104 -20.12 10.33 10.36
CA VAL C 104 -19.99 11.74 10.74
C VAL C 104 -18.93 12.44 9.91
N ALA C 105 -17.88 11.72 9.53
CA ALA C 105 -16.82 12.31 8.71
C ALA C 105 -17.47 12.76 7.39
N PHE C 106 -18.27 11.87 6.81
CA PHE C 106 -18.95 12.16 5.56
C PHE C 106 -19.91 13.33 5.71
N LEU C 107 -20.76 13.28 6.73
CA LEU C 107 -21.74 14.35 6.97
C LEU C 107 -21.11 15.71 7.21
N LEU C 108 -20.04 15.77 7.99
CA LEU C 108 -19.37 17.05 8.27
C LEU C 108 -18.73 17.62 7.01
N ALA C 109 -18.04 16.76 6.26
CA ALA C 109 -17.37 17.18 5.04
C ALA C 109 -18.39 17.64 4.00
N GLN C 110 -19.49 16.90 3.90
CA GLN C 110 -20.55 17.23 2.96
C GLN C 110 -21.13 18.61 3.27
N ALA C 111 -21.30 18.90 4.55
CA ALA C 111 -21.86 20.19 4.95
C ALA C 111 -20.86 21.35 4.82
N ALA C 112 -19.57 21.05 5.01
CA ALA C 112 -18.55 22.09 4.93
C ALA C 112 -18.08 22.44 3.52
N ALA C 113 -18.03 21.45 2.63
CA ALA C 113 -17.55 21.66 1.27
C ALA C 113 -18.11 22.86 0.52
N PRO C 114 -19.45 23.07 0.54
CA PRO C 114 -20.01 24.23 -0.17
C PRO C 114 -19.43 25.56 0.27
N HIS C 115 -19.13 25.70 1.55
CA HIS C 115 -18.58 26.94 2.08
C HIS C 115 -17.13 27.13 1.64
N MET C 116 -16.39 26.03 1.55
CA MET C 116 -15.00 26.09 1.11
C MET C 116 -14.99 26.44 -0.38
N ALA C 117 -15.92 25.83 -1.13
CA ALA C 117 -16.00 26.08 -2.56
C ALA C 117 -16.36 27.54 -2.83
N GLU C 118 -17.17 28.10 -1.94
CA GLU C 118 -17.58 29.50 -2.08
C GLU C 118 -16.35 30.38 -1.94
N ALA C 119 -15.42 29.99 -1.05
CA ALA C 119 -14.20 30.75 -0.84
C ALA C 119 -13.12 30.42 -1.87
N GLY C 120 -13.31 29.32 -2.58
CA GLY C 120 -12.35 28.90 -3.58
C GLY C 120 -11.09 28.30 -2.98
N TRP C 121 -11.15 27.96 -1.70
CA TRP C 121 -10.02 27.38 -0.99
C TRP C 121 -10.55 26.61 0.22
N GLY C 122 -10.10 25.37 0.37
CA GLY C 122 -10.55 24.57 1.49
C GLY C 122 -9.62 23.43 1.83
N ARG C 123 -9.66 23.01 3.09
CA ARG C 123 -8.84 21.91 3.56
C ARG C 123 -9.69 21.02 4.46
N VAL C 124 -9.77 19.74 4.11
CA VAL C 124 -10.50 18.79 4.91
C VAL C 124 -9.46 17.79 5.39
N LEU C 125 -9.38 17.60 6.70
CA LEU C 125 -8.41 16.67 7.25
C LEU C 125 -9.09 15.64 8.11
N PHE C 126 -9.09 14.39 7.63
CA PHE C 126 -9.67 13.30 8.40
C PHE C 126 -8.52 12.72 9.20
N ILE C 127 -8.84 12.05 10.29
CA ILE C 127 -7.80 11.46 11.12
C ILE C 127 -7.87 9.95 11.01
N GLY C 128 -6.75 9.36 10.60
CA GLY C 128 -6.69 7.92 10.45
C GLY C 128 -6.01 7.28 11.65
N SER C 129 -5.19 6.28 11.38
CA SER C 129 -4.51 5.55 12.43
C SER C 129 -3.58 4.54 11.77
N VAL C 130 -2.74 3.87 12.55
CA VAL C 130 -1.89 2.86 11.95
C VAL C 130 -2.83 1.72 11.56
N THR C 131 -4.05 1.73 12.12
CA THR C 131 -5.02 0.69 11.78
C THR C 131 -5.70 0.96 10.44
N THR C 132 -5.23 1.99 9.73
CA THR C 132 -5.75 2.30 8.41
C THR C 132 -4.98 1.35 7.48
N PHE C 133 -3.88 0.82 8.01
CA PHE C 133 -2.99 -0.07 7.26
C PHE C 133 -2.75 -1.44 7.90
N THR C 134 -3.17 -1.60 9.15
CA THR C 134 -3.00 -2.86 9.88
C THR C 134 -4.25 -3.11 10.71
N ALA C 135 -4.28 -4.23 11.44
CA ALA C 135 -5.45 -4.55 12.25
C ALA C 135 -5.31 -4.25 13.75
N GLY C 136 -4.34 -3.41 14.11
CA GLY C 136 -4.18 -3.05 15.51
C GLY C 136 -3.32 -3.94 16.38
N GLY C 137 -2.77 -5.00 15.80
CA GLY C 137 -1.91 -5.89 16.57
C GLY C 137 -2.54 -6.59 17.76
N PRO C 138 -1.96 -6.44 18.98
CA PRO C 138 -2.49 -7.08 20.17
C PRO C 138 -3.82 -6.52 20.67
N VAL C 139 -4.26 -5.41 20.10
CA VAL C 139 -5.49 -4.76 20.52
C VAL C 139 -6.69 -5.24 19.69
N PRO C 140 -7.79 -5.65 20.36
CA PRO C 140 -8.99 -6.11 19.68
C PRO C 140 -9.89 -4.93 19.29
N ILE C 141 -9.67 -4.40 18.09
CA ILE C 141 -10.43 -3.25 17.62
C ILE C 141 -10.91 -3.37 16.16
N PRO C 142 -11.73 -4.39 15.86
CA PRO C 142 -12.23 -4.58 14.49
C PRO C 142 -13.08 -3.43 13.94
N ALA C 143 -13.93 -2.84 14.77
CA ALA C 143 -14.78 -1.75 14.30
C ALA C 143 -13.95 -0.50 14.00
N TYR C 144 -13.03 -0.18 14.92
CA TYR C 144 -12.17 0.98 14.77
C TYR C 144 -11.29 0.83 13.52
N THR C 145 -10.70 -0.35 13.35
CA THR C 145 -9.84 -0.63 12.20
C THR C 145 -10.63 -0.45 10.91
N THR C 146 -11.83 -1.00 10.86
CA THR C 146 -12.66 -0.90 9.68
C THR C 146 -12.97 0.56 9.33
N ALA C 147 -13.35 1.33 10.35
CA ALA C 147 -13.69 2.73 10.16
C ALA C 147 -12.50 3.56 9.68
N LYS C 148 -11.34 3.36 10.31
CA LYS C 148 -10.16 4.11 9.95
C LYS C 148 -9.60 3.73 8.58
N THR C 149 -9.89 2.52 8.13
CA THR C 149 -9.44 2.10 6.80
C THR C 149 -10.43 2.67 5.80
N ALA C 150 -11.70 2.65 6.15
CA ALA C 150 -12.75 3.18 5.30
C ALA C 150 -12.46 4.63 4.96
N LEU C 151 -11.93 5.38 5.92
CA LEU C 151 -11.62 6.79 5.71
C LEU C 151 -10.66 7.05 4.56
N LEU C 152 -9.79 6.10 4.26
CA LEU C 152 -8.86 6.29 3.17
C LEU C 152 -9.64 6.30 1.86
N GLY C 153 -10.68 5.48 1.79
CA GLY C 153 -11.51 5.44 0.61
C GLY C 153 -12.28 6.74 0.46
N LEU C 154 -12.86 7.21 1.57
CA LEU C 154 -13.62 8.45 1.54
C LEU C 154 -12.69 9.61 1.17
N THR C 155 -11.47 9.58 1.72
CA THR C 155 -10.49 10.61 1.45
C THR C 155 -10.22 10.71 -0.06
N ARG C 156 -9.98 9.56 -0.68
CA ARG C 156 -9.72 9.53 -2.13
C ARG C 156 -10.91 10.02 -2.93
N ALA C 157 -12.11 9.55 -2.56
CA ALA C 157 -13.33 9.92 -3.26
C ALA C 157 -13.66 11.39 -3.20
N LEU C 158 -13.57 11.99 -2.02
CA LEU C 158 -13.88 13.40 -1.87
C LEU C 158 -12.77 14.26 -2.49
N ALA C 159 -11.54 13.79 -2.38
CA ALA C 159 -10.42 14.53 -2.96
C ALA C 159 -10.64 14.65 -4.47
N LYS C 160 -11.03 13.54 -5.09
CA LYS C 160 -11.28 13.53 -6.54
C LYS C 160 -12.43 14.44 -6.94
N GLU C 161 -13.54 14.38 -6.19
CA GLU C 161 -14.72 15.17 -6.49
C GLU C 161 -14.57 16.67 -6.30
N TRP C 162 -13.81 17.07 -5.29
CA TRP C 162 -13.66 18.50 -4.99
C TRP C 162 -12.34 19.16 -5.36
N ALA C 163 -11.49 18.44 -6.08
CA ALA C 163 -10.19 18.95 -6.46
C ALA C 163 -10.23 20.28 -7.21
N ARG C 164 -11.16 20.41 -8.15
CA ARG C 164 -11.23 21.64 -8.92
C ARG C 164 -11.94 22.80 -8.21
N LEU C 165 -12.45 22.54 -7.01
CA LEU C 165 -13.12 23.58 -6.23
C LEU C 165 -12.12 24.32 -5.34
N GLY C 166 -10.89 23.83 -5.31
CA GLY C 166 -9.86 24.46 -4.50
C GLY C 166 -9.78 23.80 -3.14
N ILE C 167 -10.44 22.65 -3.00
CA ILE C 167 -10.45 21.91 -1.75
C ILE C 167 -9.49 20.72 -1.81
N ARG C 168 -8.75 20.53 -0.73
CA ARG C 168 -7.82 19.41 -0.63
C ARG C 168 -8.34 18.54 0.51
N VAL C 169 -8.33 17.23 0.30
CA VAL C 169 -8.81 16.29 1.31
C VAL C 169 -7.74 15.22 1.56
N ASN C 170 -7.29 15.11 2.81
CA ASN C 170 -6.26 14.14 3.14
C ASN C 170 -6.56 13.43 4.45
N LEU C 171 -5.83 12.35 4.69
CA LEU C 171 -5.99 11.56 5.91
C LEU C 171 -4.69 11.52 6.70
N LEU C 172 -4.69 12.19 7.86
CA LEU C 172 -3.50 12.19 8.71
C LEU C 172 -3.59 10.95 9.58
N CYS C 173 -2.60 10.07 9.47
CA CYS C 173 -2.59 8.83 10.24
C CYS C 173 -1.56 8.84 11.35
N PRO C 174 -1.99 9.20 12.56
CA PRO C 174 -1.07 9.24 13.70
C PRO C 174 -0.67 7.83 14.12
N GLY C 175 0.50 7.72 14.71
CA GLY C 175 0.94 6.41 15.20
C GLY C 175 0.40 6.32 16.62
N TYR C 176 1.22 5.87 17.54
CA TYR C 176 0.79 5.74 18.92
C TYR C 176 1.14 7.02 19.68
N VAL C 177 0.09 7.74 20.05
CA VAL C 177 0.21 9.03 20.74
C VAL C 177 -0.22 8.94 22.20
N GLU C 178 0.51 9.65 23.06
CA GLU C 178 0.21 9.67 24.47
C GLU C 178 -0.98 10.59 24.72
N THR C 179 -2.16 10.00 24.88
CA THR C 179 -3.39 10.74 25.15
C THR C 179 -4.25 9.93 26.10
N GLU C 180 -5.37 10.50 26.70
CA GLU C 180 -6.28 9.78 27.59
C GLU C 180 -7.01 8.72 26.80
N PHE C 181 -7.18 8.99 25.49
CA PHE C 181 -7.86 8.02 24.63
C PHE C 181 -7.11 6.69 24.54
N THR C 182 -5.77 6.75 24.51
CA THR C 182 -4.95 5.55 24.40
C THR C 182 -4.41 5.06 25.74
N LEU C 183 -4.83 5.68 26.83
CA LEU C 183 -4.36 5.28 28.16
C LEU C 183 -4.49 3.79 28.41
N PRO C 184 -5.64 3.18 28.03
CA PRO C 184 -5.79 1.75 28.26
C PRO C 184 -4.69 0.92 27.61
N LEU C 185 -4.21 1.36 26.46
CA LEU C 185 -3.15 0.65 25.76
C LEU C 185 -1.84 0.71 26.53
N ARG C 186 -1.54 1.87 27.10
CA ARG C 186 -0.32 2.05 27.86
C ARG C 186 -0.29 1.40 29.23
N GLN C 187 -1.46 1.19 29.80
CA GLN C 187 -1.55 0.60 31.14
C GLN C 187 -1.44 -0.93 31.20
N ASN C 188 -1.52 -1.57 30.05
CA ASN C 188 -1.43 -3.01 29.96
C ASN C 188 -0.14 -3.39 29.22
N PRO C 189 0.85 -3.94 29.94
CA PRO C 189 2.13 -4.33 29.34
C PRO C 189 1.99 -5.21 28.10
N GLU C 190 0.95 -6.04 28.08
CA GLU C 190 0.73 -6.95 26.96
C GLU C 190 0.38 -6.24 25.67
N LEU C 191 0.04 -4.96 25.79
CA LEU C 191 -0.30 -4.16 24.63
C LEU C 191 0.84 -3.19 24.39
N TYR C 192 1.21 -2.45 25.43
CA TYR C 192 2.27 -1.46 25.31
C TYR C 192 3.62 -2.00 24.86
N GLU C 193 4.10 -3.07 25.49
CA GLU C 193 5.41 -3.60 25.13
C GLU C 193 5.57 -4.11 23.71
N PRO C 194 4.67 -4.99 23.24
CA PRO C 194 4.77 -5.51 21.88
C PRO C 194 4.64 -4.42 20.82
N ILE C 195 3.82 -3.41 21.13
CA ILE C 195 3.60 -2.30 20.21
C ILE C 195 4.82 -1.37 20.16
N THR C 196 5.30 -0.96 21.32
CA THR C 196 6.44 -0.05 21.39
C THR C 196 7.73 -0.66 20.84
N ALA C 197 7.87 -1.98 20.95
CA ALA C 197 9.06 -2.65 20.45
C ALA C 197 9.12 -2.50 18.92
N ARG C 198 7.99 -2.15 18.32
CA ARG C 198 7.91 -1.99 16.87
C ARG C 198 8.04 -0.54 16.42
N ILE C 199 8.24 0.37 17.37
CA ILE C 199 8.41 1.79 17.05
C ILE C 199 9.89 2.12 17.06
N PRO C 200 10.50 2.27 15.87
CA PRO C 200 11.93 2.59 15.77
C PRO C 200 12.42 3.73 16.66
N MET C 201 11.61 4.79 16.76
CA MET C 201 12.00 5.92 17.58
C MET C 201 11.99 5.60 19.07
N GLY C 202 11.44 4.44 19.41
CA GLY C 202 11.41 3.99 20.80
C GLY C 202 10.58 4.78 21.78
N ARG C 203 9.57 5.49 21.28
CA ARG C 203 8.72 6.28 22.16
C ARG C 203 7.42 6.62 21.46
N TRP C 204 6.41 6.93 22.26
CA TRP C 204 5.12 7.33 21.74
C TRP C 204 5.23 8.81 21.41
N ALA C 205 4.31 9.31 20.59
CA ALA C 205 4.59 10.65 20.12
C ALA C 205 3.68 11.69 20.78
N ARG C 206 4.25 12.86 21.06
CA ARG C 206 3.46 13.92 21.69
C ARG C 206 2.26 14.32 20.84
N PRO C 207 1.05 14.76 21.44
CA PRO C 207 0.04 15.26 20.51
C PRO C 207 0.54 16.41 19.62
N GLU C 208 1.37 17.28 20.18
CA GLU C 208 1.91 18.42 19.45
C GLU C 208 2.74 18.00 18.23
N GLU C 209 3.42 16.87 18.32
CA GLU C 209 4.24 16.39 17.21
C GLU C 209 3.38 15.96 16.04
N ILE C 210 2.18 15.48 16.33
CA ILE C 210 1.25 15.06 15.29
C ILE C 210 0.64 16.32 14.67
N ALA C 211 0.34 17.30 15.52
CA ALA C 211 -0.26 18.56 15.08
C ALA C 211 0.63 19.34 14.12
N ARG C 212 1.94 19.18 14.23
CA ARG C 212 2.86 19.89 13.34
C ARG C 212 2.56 19.54 11.89
N VAL C 213 2.27 18.26 11.66
CA VAL C 213 1.96 17.77 10.32
C VAL C 213 0.53 18.11 9.92
N ALA C 214 -0.38 18.09 10.88
CA ALA C 214 -1.77 18.41 10.61
C ALA C 214 -1.85 19.84 10.08
N ALA C 215 -1.08 20.74 10.68
CA ALA C 215 -1.07 22.15 10.28
C ALA C 215 -0.65 22.29 8.82
N VAL C 216 0.35 21.50 8.43
CA VAL C 216 0.85 21.52 7.05
C VAL C 216 -0.28 21.12 6.09
N LEU C 217 -1.00 20.07 6.45
CA LEU C 217 -2.09 19.58 5.62
C LEU C 217 -3.30 20.52 5.60
N CYS C 218 -3.29 21.52 6.48
CA CYS C 218 -4.36 22.50 6.53
C CYS C 218 -3.88 23.85 6.03
N GLY C 219 -2.77 23.85 5.29
CA GLY C 219 -2.22 25.11 4.78
C GLY C 219 -1.83 25.09 3.32
N ASP C 220 -1.16 26.15 2.88
CA ASP C 220 -0.74 26.25 1.50
C ASP C 220 0.28 25.20 1.09
N GLU C 221 0.94 24.59 2.07
CA GLU C 221 1.92 23.56 1.74
C GLU C 221 1.24 22.39 1.03
N ALA C 222 -0.06 22.24 1.26
CA ALA C 222 -0.81 21.15 0.65
C ALA C 222 -1.49 21.53 -0.67
N GLU C 223 -1.08 22.64 -1.27
CA GLU C 223 -1.69 23.07 -2.52
C GLU C 223 -1.77 21.98 -3.59
N TYR C 224 -0.75 21.14 -3.68
CA TYR C 224 -0.75 20.07 -4.68
C TYR C 224 -0.79 18.69 -4.02
N LEU C 225 -1.22 18.64 -2.76
CA LEU C 225 -1.29 17.37 -2.02
C LEU C 225 -2.73 17.08 -1.64
N THR C 226 -3.32 16.06 -2.26
CA THR C 226 -4.70 15.69 -1.97
C THR C 226 -5.00 14.22 -2.28
N GLY C 227 -5.96 13.66 -1.55
CA GLY C 227 -6.36 12.28 -1.74
C GLY C 227 -5.37 11.29 -1.16
N GLN C 228 -4.53 11.76 -0.25
CA GLN C 228 -3.49 10.93 0.35
C GLN C 228 -3.54 10.73 1.85
N ALA C 229 -2.92 9.64 2.29
CA ALA C 229 -2.79 9.35 3.71
C ALA C 229 -1.35 9.69 4.02
N VAL C 230 -1.12 10.34 5.15
CA VAL C 230 0.24 10.71 5.57
C VAL C 230 0.38 10.16 6.99
N ALA C 231 1.24 9.16 7.14
CA ALA C 231 1.45 8.52 8.43
C ALA C 231 2.59 9.16 9.21
N VAL C 232 2.28 9.53 10.46
CA VAL C 232 3.24 10.16 11.36
C VAL C 232 3.27 9.19 12.55
N ASP C 233 4.10 8.17 12.44
CA ASP C 233 4.14 7.10 13.44
C ASP C 233 5.49 6.69 14.05
N GLY C 234 6.49 7.56 13.99
CA GLY C 234 7.78 7.21 14.56
C GLY C 234 8.45 6.02 13.93
N GLY C 235 7.96 5.61 12.76
CA GLY C 235 8.54 4.48 12.06
C GLY C 235 7.85 3.15 12.26
N PHE C 236 6.74 3.15 12.99
CA PHE C 236 5.98 1.93 13.28
C PHE C 236 5.64 1.07 12.06
N LEU C 237 4.97 1.67 11.08
CA LEU C 237 4.58 0.92 9.90
C LEU C 237 5.76 0.42 9.07
N ALA C 238 6.86 1.18 9.06
CA ALA C 238 8.05 0.81 8.30
C ALA C 238 8.86 -0.33 8.94
N TYR C 239 8.79 -0.44 10.26
CA TYR C 239 9.53 -1.46 11.00
C TYR C 239 9.60 -2.84 10.35
N GLU D 2 -18.29 -32.37 0.24
CA GLU D 2 -18.21 -32.18 1.71
C GLU D 2 -17.98 -30.75 2.29
N ARG D 3 -17.25 -29.83 1.61
CA ARG D 3 -17.24 -28.43 2.12
C ARG D 3 -18.53 -27.65 1.76
N LYS D 4 -19.10 -26.92 2.71
CA LYS D 4 -20.38 -26.27 2.55
C LYS D 4 -20.22 -24.76 2.39
N ALA D 5 -20.80 -24.22 1.32
CA ALA D 5 -20.66 -22.80 1.04
C ALA D 5 -21.94 -22.01 0.80
N LEU D 6 -21.93 -20.77 1.26
CA LEU D 6 -23.05 -19.86 1.07
C LEU D 6 -22.53 -18.70 0.24
N VAL D 7 -23.20 -18.40 -0.87
CA VAL D 7 -22.81 -17.30 -1.73
C VAL D 7 -23.97 -16.33 -1.89
N THR D 8 -23.82 -15.11 -1.36
CA THR D 8 -24.88 -14.13 -1.50
C THR D 8 -24.68 -13.44 -2.85
N GLY D 9 -25.78 -13.01 -3.47
CA GLY D 9 -25.69 -12.38 -4.77
C GLY D 9 -25.17 -13.40 -5.77
N GLY D 10 -25.50 -14.66 -5.54
CA GLY D 10 -25.03 -15.72 -6.42
C GLY D 10 -25.85 -16.12 -7.63
N SER D 11 -26.84 -15.31 -8.00
CA SER D 11 -27.66 -15.65 -9.16
C SER D 11 -27.18 -14.98 -10.45
N ARG D 12 -26.40 -13.91 -10.31
CA ARG D 12 -25.91 -13.17 -11.47
C ARG D 12 -24.45 -12.75 -11.34
N GLY D 13 -23.88 -12.31 -12.45
CA GLY D 13 -22.51 -11.84 -12.51
C GLY D 13 -21.43 -12.64 -11.80
N ILE D 14 -20.55 -11.92 -11.10
CA ILE D 14 -19.45 -12.53 -10.37
C ILE D 14 -19.91 -13.55 -9.34
N GLY D 15 -20.98 -13.21 -8.61
CA GLY D 15 -21.50 -14.12 -7.60
C GLY D 15 -21.85 -15.47 -8.20
N ARG D 16 -22.53 -15.45 -9.34
CA ARG D 16 -22.94 -16.69 -9.99
C ARG D 16 -21.71 -17.46 -10.45
N ALA D 17 -20.74 -16.77 -11.04
CA ALA D 17 -19.51 -17.41 -11.51
C ALA D 17 -18.79 -18.09 -10.36
N ILE D 18 -18.76 -17.44 -9.21
CA ILE D 18 -18.09 -18.00 -8.05
C ILE D 18 -18.85 -19.24 -7.56
N ALA D 19 -20.17 -19.15 -7.52
CA ALA D 19 -20.97 -20.28 -7.07
C ALA D 19 -20.72 -21.48 -7.99
N GLU D 20 -20.64 -21.23 -9.28
CA GLU D 20 -20.39 -22.31 -10.24
C GLU D 20 -19.00 -22.90 -10.04
N ALA D 21 -18.02 -22.05 -9.77
CA ALA D 21 -16.65 -22.50 -9.56
C ALA D 21 -16.56 -23.39 -8.32
N LEU D 22 -17.33 -23.04 -7.29
CA LEU D 22 -17.32 -23.82 -6.05
C LEU D 22 -18.00 -25.17 -6.25
N VAL D 23 -19.09 -25.19 -7.03
CA VAL D 23 -19.77 -26.45 -7.28
C VAL D 23 -18.82 -27.37 -8.03
N ALA D 24 -18.08 -26.79 -8.96
CA ALA D 24 -17.13 -27.53 -9.79
C ALA D 24 -16.06 -28.18 -8.92
N ARG D 25 -15.82 -27.60 -7.75
CA ARG D 25 -14.81 -28.12 -6.82
C ARG D 25 -15.35 -29.20 -5.92
N GLY D 26 -16.63 -29.49 -6.07
CA GLY D 26 -17.24 -30.52 -5.25
C GLY D 26 -17.89 -29.99 -3.98
N TYR D 27 -18.01 -28.67 -3.85
CA TYR D 27 -18.62 -28.08 -2.66
C TYR D 27 -20.15 -28.14 -2.77
N ARG D 28 -20.82 -28.21 -1.63
CA ARG D 28 -22.28 -28.21 -1.60
C ARG D 28 -22.57 -26.73 -1.43
N VAL D 29 -23.21 -26.12 -2.43
CA VAL D 29 -23.46 -24.68 -2.40
C VAL D 29 -24.92 -24.23 -2.27
N ALA D 30 -25.09 -23.11 -1.57
CA ALA D 30 -26.40 -22.50 -1.38
C ALA D 30 -26.26 -21.11 -1.97
N ILE D 31 -27.20 -20.72 -2.83
CA ILE D 31 -27.17 -19.41 -3.46
C ILE D 31 -28.27 -18.53 -2.89
N ALA D 32 -27.87 -17.37 -2.36
CA ALA D 32 -28.83 -16.43 -1.78
C ALA D 32 -28.96 -15.15 -2.61
N SER D 33 -30.19 -14.84 -2.98
CA SER D 33 -30.51 -13.63 -3.74
C SER D 33 -32.02 -13.55 -3.72
N ARG D 34 -32.60 -12.49 -4.29
CA ARG D 34 -34.05 -12.38 -4.26
C ARG D 34 -34.76 -13.44 -5.10
N ASN D 35 -34.22 -13.75 -6.26
CA ASN D 35 -34.79 -14.75 -7.15
C ASN D 35 -33.70 -15.72 -7.61
N PRO D 36 -33.24 -16.59 -6.71
CA PRO D 36 -32.19 -17.57 -7.00
C PRO D 36 -32.63 -18.88 -7.63
N GLU D 37 -33.92 -19.02 -7.92
CA GLU D 37 -34.45 -20.25 -8.50
C GLU D 37 -33.72 -20.79 -9.73
N GLU D 38 -33.65 -19.99 -10.79
CA GLU D 38 -32.98 -20.42 -12.01
C GLU D 38 -31.51 -20.74 -11.81
N ALA D 39 -30.81 -19.87 -11.10
CA ALA D 39 -29.38 -20.05 -10.86
C ALA D 39 -29.13 -21.33 -10.07
N ALA D 40 -29.90 -21.55 -9.01
CA ALA D 40 -29.75 -22.75 -8.19
C ALA D 40 -30.00 -24.00 -9.01
N GLN D 41 -31.04 -23.96 -9.82
CA GLN D 41 -31.36 -25.10 -10.66
C GLN D 41 -30.27 -25.40 -11.68
N SER D 42 -29.81 -24.38 -12.38
CA SER D 42 -28.77 -24.54 -13.39
C SER D 42 -27.42 -25.01 -12.84
N LEU D 43 -27.01 -24.44 -11.71
CA LEU D 43 -25.72 -24.78 -11.11
C LEU D 43 -25.74 -26.01 -10.22
N GLY D 44 -26.92 -26.42 -9.77
CA GLY D 44 -27.01 -27.56 -8.89
C GLY D 44 -26.70 -27.11 -7.47
N ALA D 45 -27.31 -26.01 -7.07
CA ALA D 45 -27.12 -25.45 -5.73
C ALA D 45 -28.46 -25.31 -5.02
N VAL D 46 -28.41 -25.04 -3.72
CA VAL D 46 -29.62 -24.86 -2.93
C VAL D 46 -30.06 -23.40 -2.99
N PRO D 47 -31.32 -23.15 -3.39
CA PRO D 47 -31.80 -21.77 -3.46
C PRO D 47 -32.29 -21.24 -2.12
N LEU D 48 -31.83 -20.03 -1.78
CA LEU D 48 -32.24 -19.39 -0.54
C LEU D 48 -32.72 -17.98 -0.86
N PRO D 49 -34.00 -17.83 -1.22
CA PRO D 49 -34.55 -16.52 -1.56
C PRO D 49 -34.39 -15.59 -0.36
N THR D 50 -33.80 -14.42 -0.58
CA THR D 50 -33.57 -13.49 0.50
C THR D 50 -33.42 -12.06 -0.01
N ASP D 51 -33.75 -11.10 0.84
CA ASP D 51 -33.60 -9.68 0.50
C ASP D 51 -32.66 -9.17 1.58
N LEU D 52 -31.36 -9.18 1.31
CA LEU D 52 -30.36 -8.75 2.29
C LEU D 52 -30.34 -7.29 2.69
N GLU D 53 -31.16 -6.46 2.06
CA GLU D 53 -31.19 -5.06 2.46
C GLU D 53 -32.23 -4.98 3.57
N LYS D 54 -32.90 -6.10 3.76
CA LYS D 54 -34.01 -6.23 4.67
C LYS D 54 -33.90 -7.32 5.72
N ASP D 55 -33.66 -8.55 5.27
CA ASP D 55 -33.58 -9.68 6.16
C ASP D 55 -32.35 -9.73 7.08
N ASP D 56 -32.55 -10.28 8.27
CA ASP D 56 -31.49 -10.41 9.27
C ASP D 56 -30.41 -11.34 8.74
N PRO D 57 -29.17 -10.84 8.61
CA PRO D 57 -28.06 -11.64 8.12
C PRO D 57 -27.83 -12.97 8.83
N LYS D 58 -27.89 -12.99 10.16
CA LYS D 58 -27.68 -14.25 10.85
C LYS D 58 -28.82 -15.23 10.58
N GLY D 59 -29.96 -14.70 10.21
CA GLY D 59 -31.08 -15.56 9.90
C GLY D 59 -30.77 -16.33 8.62
N LEU D 60 -30.09 -15.68 7.69
CA LEU D 60 -29.71 -16.31 6.43
C LEU D 60 -28.67 -17.39 6.68
N VAL D 61 -27.67 -17.08 7.52
CA VAL D 61 -26.63 -18.05 7.83
C VAL D 61 -27.24 -19.32 8.44
N LYS D 62 -28.22 -19.12 9.33
CA LYS D 62 -28.88 -20.25 9.96
C LYS D 62 -29.60 -21.10 8.90
N ARG D 63 -30.25 -20.45 7.96
CA ARG D 63 -30.96 -21.14 6.88
C ARG D 63 -29.98 -21.96 6.04
N ALA D 64 -28.81 -21.38 5.76
CA ALA D 64 -27.80 -22.06 4.97
C ALA D 64 -27.26 -23.26 5.74
N LEU D 65 -26.97 -23.05 7.02
CA LEU D 65 -26.46 -24.11 7.88
C LEU D 65 -27.38 -25.32 7.84
N GLU D 66 -28.67 -25.08 8.01
CA GLU D 66 -29.66 -26.15 8.02
C GLU D 66 -29.84 -26.80 6.65
N ALA D 67 -29.82 -26.01 5.59
CA ALA D 67 -29.99 -26.55 4.24
C ALA D 67 -28.78 -27.35 3.77
N LEU D 68 -27.59 -26.93 4.20
CA LEU D 68 -26.35 -27.59 3.79
C LEU D 68 -25.79 -28.60 4.79
N GLY D 69 -26.29 -28.58 6.03
CA GLY D 69 -25.81 -29.51 7.03
C GLY D 69 -24.44 -29.10 7.55
N GLY D 70 -24.19 -27.79 7.56
CA GLY D 70 -22.92 -27.26 8.03
C GLY D 70 -22.57 -26.02 7.22
N LEU D 71 -21.47 -25.37 7.57
CA LEU D 71 -21.04 -24.16 6.85
C LEU D 71 -19.54 -23.96 7.00
N HIS D 72 -18.84 -23.97 5.87
CA HIS D 72 -17.38 -23.79 5.86
C HIS D 72 -16.94 -22.57 5.09
N VAL D 73 -17.72 -22.18 4.10
CA VAL D 73 -17.37 -21.05 3.24
C VAL D 73 -18.46 -20.00 3.10
N LEU D 74 -18.05 -18.73 3.16
CA LEU D 74 -18.95 -17.60 3.01
C LEU D 74 -18.41 -16.63 1.97
N VAL D 75 -19.21 -16.34 0.95
CA VAL D 75 -18.84 -15.39 -0.10
C VAL D 75 -19.96 -14.37 -0.17
N HIS D 76 -19.62 -13.11 0.10
CA HIS D 76 -20.61 -12.04 0.08
C HIS D 76 -20.48 -11.22 -1.20
N ALA D 77 -21.28 -11.57 -2.20
CA ALA D 77 -21.24 -10.87 -3.49
C ALA D 77 -22.49 -10.07 -3.80
N ALA D 78 -23.35 -9.89 -2.81
CA ALA D 78 -24.58 -9.13 -3.01
C ALA D 78 -24.18 -7.70 -3.38
N ALA D 79 -24.92 -7.07 -4.28
CA ALA D 79 -24.56 -5.73 -4.69
C ALA D 79 -25.72 -4.75 -4.80
N VAL D 80 -25.36 -3.48 -4.74
CA VAL D 80 -26.28 -2.36 -4.85
C VAL D 80 -25.40 -1.13 -4.90
N ASN D 81 -25.89 -0.06 -5.50
CA ASN D 81 -25.11 1.16 -5.54
C ASN D 81 -25.98 2.33 -5.90
N VAL D 82 -25.57 3.50 -5.43
CA VAL D 82 -26.27 4.74 -5.73
C VAL D 82 -25.19 5.60 -6.32
N ARG D 83 -25.22 5.76 -7.64
CA ARG D 83 -24.22 6.53 -8.34
C ARG D 83 -24.56 8.02 -8.34
N LYS D 84 -24.09 8.70 -7.30
CA LYS D 84 -24.30 10.14 -7.12
C LYS D 84 -23.09 10.70 -6.39
N PRO D 85 -22.67 11.93 -6.76
CA PRO D 85 -21.51 12.53 -6.08
C PRO D 85 -21.88 12.84 -4.63
N ALA D 86 -20.87 13.01 -3.79
CA ALA D 86 -21.08 13.28 -2.37
C ALA D 86 -22.02 14.43 -2.05
N LEU D 87 -21.95 15.53 -2.81
CA LEU D 87 -22.80 16.68 -2.56
C LEU D 87 -24.28 16.45 -2.88
N GLU D 88 -24.56 15.42 -3.66
CA GLU D 88 -25.94 15.10 -4.05
C GLU D 88 -26.49 13.91 -3.28
N LEU D 89 -25.61 13.14 -2.68
CA LEU D 89 -25.98 11.93 -1.93
C LEU D 89 -26.65 12.25 -0.60
N SER D 90 -27.76 11.57 -0.30
CA SER D 90 -28.44 11.78 0.98
C SER D 90 -27.82 10.81 1.98
N TYR D 91 -28.00 11.07 3.27
CA TYR D 91 -27.46 10.20 4.29
C TYR D 91 -28.07 8.82 4.13
N GLU D 92 -29.34 8.79 3.75
CA GLU D 92 -30.05 7.52 3.56
C GLU D 92 -29.42 6.68 2.45
N GLU D 93 -29.06 7.32 1.34
CA GLU D 93 -28.44 6.60 0.23
C GLU D 93 -27.04 6.12 0.59
N TRP D 94 -26.29 6.98 1.27
CA TRP D 94 -24.96 6.63 1.72
C TRP D 94 -25.04 5.41 2.64
N ARG D 95 -25.96 5.43 3.59
CA ARG D 95 -26.14 4.31 4.49
C ARG D 95 -26.64 3.03 3.78
N ARG D 96 -27.46 3.20 2.74
CA ARG D 96 -27.96 2.03 2.02
C ARG D 96 -26.79 1.23 1.44
N VAL D 97 -25.85 1.95 0.84
CA VAL D 97 -24.68 1.32 0.24
C VAL D 97 -23.76 0.71 1.28
N LEU D 98 -23.43 1.47 2.31
CA LEU D 98 -22.57 0.97 3.38
C LEU D 98 -23.20 -0.21 4.12
N TYR D 99 -24.51 -0.16 4.32
CA TYR D 99 -25.15 -1.26 5.03
C TYR D 99 -25.00 -2.59 4.30
N LEU D 100 -25.41 -2.62 3.03
CA LEU D 100 -25.33 -3.87 2.28
C LEU D 100 -23.92 -4.36 2.00
N HIS D 101 -22.99 -3.55 1.76
CA HIS D 101 -21.61 -3.92 1.39
C HIS D 101 -20.72 -4.22 2.61
N LEU D 102 -20.90 -3.30 3.55
CA LEU D 102 -20.06 -3.44 4.73
C LEU D 102 -20.70 -4.06 5.97
N ASP D 103 -21.78 -3.45 6.46
CA ASP D 103 -22.43 -3.98 7.66
C ASP D 103 -22.87 -5.42 7.49
N VAL D 104 -23.51 -5.73 6.37
CA VAL D 104 -23.98 -7.08 6.11
C VAL D 104 -22.79 -8.04 6.03
N ALA D 105 -21.66 -7.55 5.51
CA ALA D 105 -20.46 -8.37 5.41
C ALA D 105 -20.05 -8.77 6.83
N PHE D 106 -20.01 -7.78 7.72
CA PHE D 106 -19.64 -8.01 9.12
C PHE D 106 -20.61 -8.97 9.79
N LEU D 107 -21.91 -8.70 9.67
CA LEU D 107 -22.92 -9.54 10.31
C LEU D 107 -22.95 -10.98 9.79
N LEU D 108 -22.75 -11.16 8.48
CA LEU D 108 -22.75 -12.50 7.92
C LEU D 108 -21.54 -13.28 8.42
N ALA D 109 -20.38 -12.63 8.41
CA ALA D 109 -19.14 -13.27 8.87
C ALA D 109 -19.22 -13.61 10.35
N GLN D 110 -19.71 -12.67 11.15
CA GLN D 110 -19.84 -12.86 12.59
C GLN D 110 -20.72 -14.07 12.90
N ALA D 111 -21.79 -14.25 12.12
CA ALA D 111 -22.72 -15.36 12.32
C ALA D 111 -22.16 -16.69 11.83
N ALA D 112 -21.40 -16.66 10.74
CA ALA D 112 -20.83 -17.86 10.17
C ALA D 112 -19.59 -18.40 10.89
N ALA D 113 -18.78 -17.50 11.44
CA ALA D 113 -17.55 -17.88 12.11
C ALA D 113 -17.63 -19.02 13.13
N PRO D 114 -18.60 -18.98 14.07
CA PRO D 114 -18.70 -20.06 15.06
C PRO D 114 -18.86 -21.45 14.45
N HIS D 115 -19.54 -21.53 13.31
CA HIS D 115 -19.77 -22.81 12.65
C HIS D 115 -18.50 -23.28 11.94
N MET D 116 -17.73 -22.35 11.40
CA MET D 116 -16.47 -22.70 10.74
C MET D 116 -15.49 -23.17 11.81
N ALA D 117 -15.50 -22.47 12.94
CA ALA D 117 -14.62 -22.80 14.05
C ALA D 117 -14.92 -24.20 14.57
N GLU D 118 -16.21 -24.55 14.59
CA GLU D 118 -16.58 -25.85 15.07
C GLU D 118 -16.05 -26.93 14.13
N ALA D 119 -15.95 -26.61 12.85
CA ALA D 119 -15.40 -27.53 11.86
C ALA D 119 -13.87 -27.46 11.83
N GLY D 120 -13.34 -26.41 12.45
CA GLY D 120 -11.89 -26.23 12.49
C GLY D 120 -11.31 -25.82 11.15
N TRP D 121 -12.18 -25.39 10.24
CA TRP D 121 -11.77 -24.99 8.91
C TRP D 121 -12.81 -24.01 8.35
N GLY D 122 -12.36 -22.89 7.81
CA GLY D 122 -13.29 -21.93 7.26
C GLY D 122 -12.66 -20.96 6.28
N ARG D 123 -13.48 -20.44 5.37
CA ARG D 123 -13.02 -19.49 4.38
C ARG D 123 -14.06 -18.40 4.24
N VAL D 124 -13.64 -17.16 4.42
CA VAL D 124 -14.52 -16.02 4.27
C VAL D 124 -13.93 -15.21 3.14
N LEU D 125 -14.75 -14.93 2.13
CA LEU D 125 -14.28 -14.16 0.98
C LEU D 125 -15.18 -12.96 0.76
N PHE D 126 -14.64 -11.78 1.01
CA PHE D 126 -15.38 -10.56 0.78
C PHE D 126 -15.04 -10.15 -0.65
N ILE D 127 -15.92 -9.38 -1.26
CA ILE D 127 -15.68 -8.95 -2.64
C ILE D 127 -15.38 -7.46 -2.66
N GLY D 128 -14.17 -7.15 -3.10
CA GLY D 128 -13.73 -5.76 -3.17
C GLY D 128 -13.96 -5.15 -4.54
N SER D 129 -13.04 -4.30 -4.96
CA SER D 129 -13.17 -3.61 -6.24
C SER D 129 -11.90 -2.81 -6.50
N VAL D 130 -11.79 -2.24 -7.70
CA VAL D 130 -10.62 -1.43 -8.01
C VAL D 130 -10.75 -0.18 -7.14
N THR D 131 -11.97 0.09 -6.66
CA THR D 131 -12.20 1.25 -5.82
C THR D 131 -11.77 0.99 -4.38
N THR D 132 -11.21 -0.18 -4.12
CA THR D 132 -10.71 -0.51 -2.79
C THR D 132 -9.37 0.21 -2.72
N PHE D 133 -8.82 0.52 -3.89
CA PHE D 133 -7.53 1.19 -4.01
C PHE D 133 -7.57 2.53 -4.73
N THR D 134 -8.68 2.83 -5.40
CA THR D 134 -8.83 4.11 -6.11
C THR D 134 -10.21 4.69 -5.89
N ALA D 135 -10.49 5.83 -6.52
CA ALA D 135 -11.77 6.50 -6.37
C ALA D 135 -12.75 6.25 -7.52
N GLY D 136 -12.47 5.26 -8.37
CA GLY D 136 -13.38 4.95 -9.46
C GLY D 136 -13.19 5.73 -10.75
N GLY D 137 -12.23 6.65 -10.77
CA GLY D 137 -11.97 7.43 -11.96
C GLY D 137 -13.07 8.38 -12.42
N PRO D 138 -13.54 8.24 -13.66
CA PRO D 138 -14.59 9.07 -14.25
C PRO D 138 -16.01 8.87 -13.73
N VAL D 139 -16.17 7.96 -12.77
CA VAL D 139 -17.49 7.67 -12.21
C VAL D 139 -17.63 8.18 -10.77
N PRO D 140 -18.75 8.87 -10.46
CA PRO D 140 -18.99 9.40 -9.12
C PRO D 140 -19.62 8.36 -8.19
N ILE D 141 -18.77 7.64 -7.46
CA ILE D 141 -19.27 6.61 -6.54
C ILE D 141 -18.57 6.63 -5.18
N PRO D 142 -18.69 7.74 -4.44
CA PRO D 142 -18.07 7.88 -3.12
C PRO D 142 -18.51 6.86 -2.06
N ALA D 143 -19.79 6.53 -2.02
CA ALA D 143 -20.28 5.57 -1.04
C ALA D 143 -19.72 4.17 -1.31
N TYR D 144 -19.74 3.78 -2.58
CA TYR D 144 -19.24 2.47 -3.01
C TYR D 144 -17.74 2.37 -2.71
N THR D 145 -17.00 3.41 -3.09
CA THR D 145 -15.56 3.46 -2.87
C THR D 145 -15.24 3.30 -1.39
N THR D 146 -15.96 4.05 -0.56
CA THR D 146 -15.75 3.98 0.88
C THR D 146 -16.03 2.57 1.42
N ALA D 147 -17.14 1.99 1.00
CA ALA D 147 -17.51 0.66 1.46
C ALA D 147 -16.51 -0.41 1.05
N LYS D 148 -16.07 -0.36 -0.21
CA LYS D 148 -15.13 -1.34 -0.71
C LYS D 148 -13.74 -1.19 -0.11
N THR D 149 -13.41 0.01 0.36
CA THR D 149 -12.11 0.23 0.98
C THR D 149 -12.22 -0.21 2.44
N ALA D 150 -13.41 0.00 3.01
CA ALA D 150 -13.67 -0.39 4.38
C ALA D 150 -13.50 -1.90 4.54
N LEU D 151 -13.89 -2.65 3.52
CA LEU D 151 -13.78 -4.10 3.55
C LEU D 151 -12.36 -4.60 3.73
N LEU D 152 -11.38 -3.81 3.28
CA LEU D 152 -9.98 -4.20 3.43
C LEU D 152 -9.64 -4.19 4.92
N GLY D 153 -10.15 -3.19 5.63
CA GLY D 153 -9.91 -3.11 7.07
C GLY D 153 -10.59 -4.26 7.79
N LEU D 154 -11.84 -4.54 7.42
CA LEU D 154 -12.57 -5.62 8.05
C LEU D 154 -11.87 -6.96 7.77
N THR D 155 -11.34 -7.10 6.57
CA THR D 155 -10.64 -8.31 6.16
C THR D 155 -9.43 -8.55 7.05
N ARG D 156 -8.63 -7.52 7.27
CA ARG D 156 -7.45 -7.64 8.11
C ARG D 156 -7.86 -7.95 9.55
N ALA D 157 -8.87 -7.22 10.03
CA ALA D 157 -9.34 -7.40 11.41
C ALA D 157 -9.87 -8.79 11.71
N LEU D 158 -10.73 -9.31 10.84
CA LEU D 158 -11.30 -10.64 11.06
C LEU D 158 -10.26 -11.74 10.84
N ALA D 159 -9.35 -11.52 9.90
CA ALA D 159 -8.31 -12.51 9.62
C ALA D 159 -7.44 -12.66 10.86
N LYS D 160 -7.07 -11.55 11.48
CA LYS D 160 -6.26 -11.56 12.69
C LYS D 160 -6.93 -12.31 13.83
N GLU D 161 -8.19 -11.98 14.04
CA GLU D 161 -8.98 -12.56 15.11
C GLU D 161 -9.31 -14.05 15.00
N TRP D 162 -9.56 -14.52 13.79
CA TRP D 162 -9.96 -15.92 13.61
C TRP D 162 -8.92 -16.89 13.04
N ALA D 163 -7.69 -16.42 12.83
CA ALA D 163 -6.65 -17.27 12.27
C ALA D 163 -6.47 -18.60 13.03
N ARG D 164 -6.42 -18.52 14.35
CA ARG D 164 -6.24 -19.72 15.18
C ARG D 164 -7.42 -20.68 15.14
N LEU D 165 -8.55 -20.21 14.63
CA LEU D 165 -9.76 -21.04 14.56
C LEU D 165 -9.78 -21.87 13.27
N GLY D 166 -8.81 -21.64 12.40
CA GLY D 166 -8.76 -22.38 11.14
C GLY D 166 -9.47 -21.63 10.03
N ILE D 167 -9.88 -20.39 10.31
CA ILE D 167 -10.58 -19.57 9.33
C ILE D 167 -9.63 -18.61 8.62
N ARG D 168 -9.78 -18.49 7.31
CA ARG D 168 -8.96 -17.57 6.52
C ARG D 168 -9.94 -16.53 5.99
N VAL D 169 -9.55 -15.25 6.04
CA VAL D 169 -10.41 -14.18 5.57
C VAL D 169 -9.65 -13.33 4.56
N ASN D 170 -10.19 -13.23 3.35
CA ASN D 170 -9.54 -12.44 2.31
C ASN D 170 -10.51 -11.60 1.49
N LEU D 171 -9.96 -10.68 0.72
CA LEU D 171 -10.76 -9.78 -0.11
C LEU D 171 -10.36 -9.90 -1.58
N LEU D 172 -11.30 -10.40 -2.39
CA LEU D 172 -11.05 -10.55 -3.81
C LEU D 172 -11.50 -9.25 -4.48
N CYS D 173 -10.58 -8.59 -5.16
CA CYS D 173 -10.88 -7.32 -5.83
C CYS D 173 -10.89 -7.46 -7.34
N PRO D 174 -12.07 -7.68 -7.93
CA PRO D 174 -12.16 -7.82 -9.39
C PRO D 174 -11.88 -6.48 -10.05
N GLY D 175 -11.35 -6.53 -11.27
CA GLY D 175 -11.10 -5.30 -11.99
C GLY D 175 -12.40 -4.98 -12.69
N TYR D 176 -12.32 -4.61 -13.96
CA TYR D 176 -13.52 -4.29 -14.73
C TYR D 176 -14.02 -5.57 -15.40
N VAL D 177 -15.22 -5.98 -15.00
CA VAL D 177 -15.81 -7.21 -15.51
C VAL D 177 -17.15 -6.95 -16.19
N GLU D 178 -17.50 -7.83 -17.13
CA GLU D 178 -18.71 -7.76 -17.90
C GLU D 178 -19.85 -8.37 -17.09
N THR D 179 -20.61 -7.45 -16.46
CA THR D 179 -21.84 -7.88 -15.81
C THR D 179 -22.97 -6.93 -16.20
N GLU D 190 -17.39 7.65 -23.58
CA GLU D 190 -16.39 8.47 -22.90
C GLU D 190 -15.89 7.85 -21.57
N LEU D 191 -16.45 6.75 -21.08
CA LEU D 191 -15.98 6.14 -19.85
C LEU D 191 -15.24 4.83 -20.13
N TYR D 192 -15.80 4.03 -21.03
CA TYR D 192 -15.21 2.75 -21.39
C TYR D 192 -13.82 2.87 -22.00
N GLU D 193 -13.67 3.74 -22.99
CA GLU D 193 -12.39 3.93 -23.68
C GLU D 193 -11.23 4.29 -22.75
N PRO D 194 -11.37 5.37 -21.96
CA PRO D 194 -10.28 5.77 -21.06
C PRO D 194 -9.90 4.66 -20.08
N ILE D 195 -10.92 4.01 -19.52
CA ILE D 195 -10.70 2.93 -18.57
C ILE D 195 -10.01 1.72 -19.21
N THR D 196 -10.51 1.31 -20.37
CA THR D 196 -9.94 0.16 -21.06
C THR D 196 -8.50 0.43 -21.49
N ALA D 197 -8.17 1.69 -21.71
CA ALA D 197 -6.82 2.07 -22.12
C ALA D 197 -5.84 1.89 -20.96
N ARG D 198 -6.40 1.85 -19.74
CA ARG D 198 -5.58 1.68 -18.55
C ARG D 198 -5.46 0.21 -18.15
N ILE D 199 -6.09 -0.66 -18.94
CA ILE D 199 -6.03 -2.10 -18.70
C ILE D 199 -4.99 -2.68 -19.66
N PRO D 200 -3.83 -3.07 -19.14
CA PRO D 200 -2.76 -3.64 -19.97
C PRO D 200 -3.22 -4.75 -20.90
N MET D 201 -4.06 -5.64 -20.41
CA MET D 201 -4.55 -6.74 -21.24
C MET D 201 -5.45 -6.28 -22.38
N GLY D 202 -5.94 -5.04 -22.28
CA GLY D 202 -6.77 -4.49 -23.35
C GLY D 202 -8.21 -4.95 -23.48
N ARG D 203 -8.71 -5.67 -22.48
CA ARG D 203 -10.09 -6.14 -22.51
C ARG D 203 -10.61 -6.29 -21.10
N TRP D 204 -11.92 -6.37 -20.96
CA TRP D 204 -12.53 -6.54 -19.65
C TRP D 204 -12.51 -8.03 -19.33
N ALA D 205 -12.75 -8.38 -18.07
CA ALA D 205 -12.72 -9.77 -17.66
C ALA D 205 -14.06 -10.46 -17.82
N ARG D 206 -14.00 -11.79 -17.93
CA ARG D 206 -15.13 -12.67 -18.00
C ARG D 206 -15.37 -13.01 -16.55
N PRO D 207 -16.61 -13.06 -16.04
CA PRO D 207 -16.82 -13.44 -14.64
C PRO D 207 -16.09 -14.71 -14.21
N GLU D 208 -16.02 -15.69 -15.11
CA GLU D 208 -15.36 -16.95 -14.82
C GLU D 208 -13.87 -16.77 -14.52
N GLU D 209 -13.25 -15.77 -15.14
CA GLU D 209 -11.84 -15.50 -14.91
C GLU D 209 -11.60 -15.01 -13.48
N ILE D 210 -12.58 -14.30 -12.94
CA ILE D 210 -12.49 -13.79 -11.58
C ILE D 210 -12.76 -14.95 -10.62
N ALA D 211 -13.74 -15.77 -10.97
CA ALA D 211 -14.13 -16.92 -10.16
C ALA D 211 -13.02 -17.94 -9.94
N ARG D 212 -12.11 -18.06 -10.89
CA ARG D 212 -11.00 -19.01 -10.75
C ARG D 212 -10.18 -18.69 -9.52
N VAL D 213 -9.97 -17.41 -9.27
CA VAL D 213 -9.19 -16.96 -8.12
C VAL D 213 -10.03 -17.05 -6.85
N ALA D 214 -11.32 -16.77 -6.96
CA ALA D 214 -12.21 -16.85 -5.81
C ALA D 214 -12.15 -18.27 -5.26
N ALA D 215 -12.19 -19.25 -6.16
CA ALA D 215 -12.15 -20.66 -5.77
C ALA D 215 -10.88 -20.98 -5.00
N VAL D 216 -9.76 -20.41 -5.43
CA VAL D 216 -8.48 -20.63 -4.76
C VAL D 216 -8.54 -20.10 -3.33
N LEU D 217 -9.12 -18.92 -3.17
CA LEU D 217 -9.23 -18.31 -1.85
C LEU D 217 -10.27 -19.01 -0.97
N CYS D 218 -11.01 -19.95 -1.57
CA CYS D 218 -12.04 -20.72 -0.88
C CYS D 218 -11.58 -22.14 -0.64
N GLY D 219 -10.32 -22.43 -0.96
CA GLY D 219 -9.83 -23.79 -0.82
C GLY D 219 -8.55 -23.96 -0.01
N ASP D 220 -7.99 -25.15 -0.04
CA ASP D 220 -6.77 -25.44 0.70
C ASP D 220 -5.56 -24.64 0.22
N GLU D 221 -5.64 -24.08 -0.99
CA GLU D 221 -4.52 -23.30 -1.49
C GLU D 221 -4.25 -22.10 -0.60
N ALA D 222 -5.29 -21.63 0.08
CA ALA D 222 -5.19 -20.46 0.96
C ALA D 222 -4.91 -20.82 2.41
N GLU D 223 -4.37 -22.00 2.65
CA GLU D 223 -4.07 -22.46 4.01
C GLU D 223 -3.22 -21.48 4.83
N TYR D 224 -2.27 -20.81 4.16
CA TYR D 224 -1.41 -19.86 4.86
C TYR D 224 -1.59 -18.46 4.29
N LEU D 225 -2.73 -18.24 3.62
CA LEU D 225 -3.03 -16.95 3.01
C LEU D 225 -4.26 -16.35 3.68
N THR D 226 -4.07 -15.26 4.43
CA THR D 226 -5.20 -14.63 5.10
C THR D 226 -4.93 -13.16 5.41
N GLY D 227 -6.01 -12.37 5.46
CA GLY D 227 -5.92 -10.95 5.76
C GLY D 227 -5.41 -10.12 4.59
N GLN D 228 -5.55 -10.67 3.39
CA GLN D 228 -5.06 -10.00 2.19
C GLN D 228 -6.10 -9.69 1.13
N ALA D 229 -5.79 -8.72 0.29
CA ALA D 229 -6.65 -8.35 -0.82
C ALA D 229 -5.90 -8.89 -2.04
N VAL D 230 -6.63 -9.49 -2.97
CA VAL D 230 -6.01 -10.02 -4.17
C VAL D 230 -6.75 -9.41 -5.35
N ALA D 231 -6.04 -8.58 -6.12
CA ALA D 231 -6.64 -7.91 -7.26
C ALA D 231 -6.48 -8.70 -8.55
N VAL D 232 -7.60 -8.94 -9.22
CA VAL D 232 -7.63 -9.67 -10.48
C VAL D 232 -8.23 -8.64 -11.43
N ASP D 233 -7.35 -7.82 -12.02
CA ASP D 233 -7.79 -6.71 -12.86
C ASP D 233 -7.11 -6.54 -14.22
N GLY D 234 -6.52 -7.59 -14.76
CA GLY D 234 -5.86 -7.48 -16.06
C GLY D 234 -4.73 -6.47 -16.10
N GLY D 235 -4.23 -6.09 -14.92
CA GLY D 235 -3.13 -5.14 -14.85
C GLY D 235 -3.52 -3.69 -14.62
N PHE D 236 -4.82 -3.42 -14.47
CA PHE D 236 -5.33 -2.06 -14.29
C PHE D 236 -4.64 -1.24 -13.19
N LEU D 237 -4.57 -1.79 -11.98
CA LEU D 237 -3.96 -1.06 -10.87
C LEU D 237 -2.45 -0.84 -11.05
N ALA D 238 -1.79 -1.77 -11.73
CA ALA D 238 -0.36 -1.67 -11.95
C ALA D 238 0.02 -0.66 -13.01
N TYR D 239 -0.86 -0.47 -13.99
CA TYR D 239 -0.64 0.46 -15.10
C TYR D 239 0.13 1.73 -14.73
S SO4 E . 13.70 23.22 -14.98
O1 SO4 E . 14.02 21.83 -15.36
O2 SO4 E . 13.45 24.01 -16.20
O3 SO4 E . 14.83 23.80 -14.23
O4 SO4 E . 12.49 23.22 -14.13
C1 GOL F . 7.03 9.61 -13.27
O1 GOL F . 7.19 9.48 -14.69
C2 GOL F . 7.68 10.91 -12.76
O2 GOL F . 8.27 11.62 -13.84
C3 GOL F . 6.63 11.80 -12.09
O3 GOL F . 6.07 11.13 -10.95
S SO4 G . 15.36 -26.54 3.17
O1 SO4 G . 15.63 -26.37 4.61
O2 SO4 G . 13.96 -26.13 2.87
O3 SO4 G . 15.53 -27.96 2.81
O4 SO4 G . 16.29 -25.72 2.38
S SO4 H . 11.49 -14.50 1.22
O1 SO4 H . 10.07 -14.78 1.52
O2 SO4 H . 11.63 -14.08 -0.18
O3 SO4 H . 12.29 -15.72 1.42
O4 SO4 H . 11.98 -13.42 2.11
S SO4 I . 20.85 -7.17 -22.35
O1 SO4 I . 20.07 -6.79 -21.20
O2 SO4 I . 19.95 -7.42 -23.48
O3 SO4 I . 21.48 -8.49 -22.00
O4 SO4 I . 21.93 -6.16 -22.62
S SO4 J . 31.08 1.39 1.12
O1 SO4 J . 31.59 1.57 2.45
O2 SO4 J . 29.83 0.88 0.80
O3 SO4 J . 31.60 -0.02 0.94
O4 SO4 J . 31.65 2.52 0.29
S SO4 K . 22.67 -23.95 -4.03
O1 SO4 K . 21.51 -23.82 -3.21
O2 SO4 K . 22.68 -23.38 -5.33
O3 SO4 K . 22.98 -25.46 -4.20
O4 SO4 K . 23.86 -23.43 -3.36
C1 GOL L . 13.23 -11.77 6.41
O1 GOL L . 13.64 -11.77 7.77
C2 GOL L . 12.28 -12.94 6.14
O2 GOL L . 11.78 -12.85 4.80
C3 GOL L . 13.01 -14.28 6.33
O3 GOL L . 13.91 -14.51 5.24
S SO4 M . -5.01 14.37 26.64
O1 SO4 M . -4.53 14.16 28.01
O2 SO4 M . -5.65 15.70 26.54
O3 SO4 M . -5.98 13.32 26.28
O4 SO4 M . -3.87 14.31 25.70
S SO4 N . -25.16 -8.79 16.82
O1 SO4 N . -25.33 -7.61 17.56
O2 SO4 N . -26.33 -9.02 15.96
O3 SO4 N . -25.00 -9.80 17.87
O4 SO4 N . -23.99 -8.21 16.18
S SO4 O . -27.82 14.77 4.31
O1 SO4 O . -28.73 13.88 3.84
O2 SO4 O . -27.88 15.70 3.24
O3 SO4 O . -26.78 13.75 4.26
O4 SO4 O . -28.14 15.30 5.68
#